data_3WUH
#
_entry.id   3WUH
#
_cell.length_a   180.315
_cell.length_b   180.315
_cell.length_c   180.315
_cell.angle_alpha   90.00
_cell.angle_beta   90.00
_cell.angle_gamma   90.00
#
_symmetry.space_group_name_H-M   'P 43 3 2'
#
loop_
_entity.id
_entity.type
_entity.pdbx_description
1 polymer 'tRNA N6-adenosine threonylcarbamoyltransferase, mitochondrial'
2 non-polymer 'ZINC ION'
3 non-polymer 'ADENOSINE MONOPHOSPHATE'
4 water water
#
_entity_poly.entity_id   1
_entity_poly.type   'polypeptide(L)'
_entity_poly.pdbx_seq_one_letter_code
;GPLHMRKGYKVLAIETSCDDTCVSVLDRFSKSAAPNVLANLKDTLDSIDEGGIIPTKAHIHHQARIGPLTERALIESNAR
EGIDLICVTRGPGMPGSLSGGLDFAKGLAVAWNKPLIGVHHMLGHLLIPRMGTNGKVPQFPFVSLLVSGGHTTFVLSRAI
DDHEILCDTIDIAVGDSLDKCGRELGFKGTMIAREMEKFINQDINDQDFALKLEMPSPLKNSASKRNMLSFSFSAFITAL
RTNLTKLGKTEIQELPEREIRSIAYQVQESVFDHIINKLKHVLKSQPEKFKNVREFVCSGGVSSNQRLRTKLETELGTLN
STSFFNFYYPPMDLCSDNSIMIGWAGIEIWESLRLVSDLDICPIRQWPLNDLLSVDGWRTDQL
;
_entity_poly.pdbx_strand_id   A,B
#
loop_
_chem_comp.id
_chem_comp.type
_chem_comp.name
_chem_comp.formula
AMP non-polymer 'ADENOSINE MONOPHOSPHATE' 'C10 H14 N5 O7 P'
ZN non-polymer 'ZINC ION' 'Zn 2'
#
# COMPACT_ATOMS: atom_id res chain seq x y z
N LYS A 7 -38.57 -13.64 16.48
CA LYS A 7 -37.34 -14.41 16.66
C LYS A 7 -36.45 -14.32 15.42
N GLY A 8 -36.85 -13.47 14.48
CA GLY A 8 -36.08 -13.24 13.27
C GLY A 8 -36.25 -11.81 12.79
N TYR A 9 -35.42 -11.39 11.84
CA TYR A 9 -35.50 -10.02 11.34
C TYR A 9 -35.09 -9.91 9.86
N LYS A 10 -35.45 -8.79 9.24
CA LYS A 10 -35.14 -8.56 7.84
C LYS A 10 -34.23 -7.35 7.65
N VAL A 11 -33.42 -7.39 6.59
CA VAL A 11 -32.42 -6.35 6.35
C VAL A 11 -32.57 -5.72 4.96
N LEU A 12 -32.57 -4.38 4.92
CA LEU A 12 -32.55 -3.65 3.66
C LEU A 12 -31.12 -3.23 3.35
N ALA A 13 -30.60 -3.68 2.23
CA ALA A 13 -29.20 -3.44 1.89
C ALA A 13 -29.03 -2.61 0.62
N ILE A 14 -28.14 -1.64 0.67
CA ILE A 14 -27.91 -0.74 -0.46
C ILE A 14 -26.44 -0.64 -0.84
N GLU A 15 -26.14 -0.92 -2.11
CA GLU A 15 -24.79 -0.77 -2.64
C GLU A 15 -24.77 0.33 -3.69
N THR A 16 -23.88 1.30 -3.51
CA THR A 16 -23.85 2.46 -4.39
C THR A 16 -22.45 3.03 -4.58
N SER A 17 -21.43 2.18 -4.40
CA SER A 17 -20.05 2.61 -4.52
C SER A 17 -19.55 2.54 -5.96
N CYS A 18 -20.14 1.65 -6.74
CA CYS A 18 -19.73 1.45 -8.12
C CYS A 18 -20.59 2.26 -9.09
N ASP A 19 -20.70 1.77 -10.31
CA ASP A 19 -21.51 2.43 -11.33
C ASP A 19 -22.95 1.92 -11.31
N ASP A 20 -23.13 0.71 -10.80
CA ASP A 20 -24.45 0.09 -10.77
C ASP A 20 -25.13 0.29 -9.41
N THR A 21 -26.43 0.58 -9.46
CA THR A 21 -27.21 0.77 -8.24
C THR A 21 -27.80 -0.57 -7.79
N CYS A 22 -27.54 -0.95 -6.55
CA CYS A 22 -27.95 -2.25 -6.06
C CYS A 22 -28.76 -2.17 -4.77
N VAL A 23 -29.90 -2.86 -4.73
CA VAL A 23 -30.74 -2.91 -3.54
C VAL A 23 -31.21 -4.33 -3.26
N SER A 24 -31.13 -4.75 -1.99
CA SER A 24 -31.53 -6.10 -1.60
C SER A 24 -32.34 -6.13 -0.32
N VAL A 25 -33.14 -7.18 -0.17
CA VAL A 25 -33.86 -7.44 1.08
C VAL A 25 -33.56 -8.84 1.57
N LEU A 26 -32.93 -8.94 2.73
CA LEU A 26 -32.53 -10.24 3.28
C LEU A 26 -33.47 -10.70 4.39
N ASP A 27 -33.67 -12.01 4.49
CA ASP A 27 -34.54 -12.58 5.51
C ASP A 27 -33.73 -13.39 6.51
N ARG A 28 -33.27 -12.73 7.56
CA ARG A 28 -32.58 -13.40 8.66
C ARG A 28 -33.64 -14.00 9.59
N PHE A 29 -34.25 -15.10 9.14
CA PHE A 29 -35.34 -15.73 9.89
C PHE A 29 -34.83 -16.51 11.09
N SER A 30 -33.56 -16.91 11.04
CA SER A 30 -32.95 -17.67 12.12
C SER A 30 -31.45 -17.38 12.21
N LYS A 31 -30.94 -17.30 13.43
CA LYS A 31 -29.52 -17.05 13.65
C LYS A 31 -28.71 -18.34 13.60
N SER A 32 -29.41 -19.47 13.61
CA SER A 32 -28.76 -20.77 13.48
C SER A 32 -28.89 -21.31 12.06
N ALA A 33 -29.15 -20.41 11.12
CA ALA A 33 -29.31 -20.78 9.72
C ALA A 33 -28.96 -19.60 8.81
N ALA A 34 -28.49 -19.92 7.61
CA ALA A 34 -28.15 -18.90 6.63
C ALA A 34 -29.40 -18.11 6.22
N PRO A 35 -29.26 -16.79 6.11
CA PRO A 35 -30.38 -15.93 5.72
C PRO A 35 -30.79 -16.15 4.26
N ASN A 36 -31.98 -15.71 3.90
CA ASN A 36 -32.46 -15.84 2.53
C ASN A 36 -32.69 -14.49 1.88
N VAL A 37 -32.73 -14.47 0.55
CA VAL A 37 -32.96 -13.25 -0.20
C VAL A 37 -34.43 -13.15 -0.62
N LEU A 38 -35.06 -12.04 -0.28
CA LEU A 38 -36.45 -11.80 -0.67
C LEU A 38 -36.49 -10.97 -1.94
N ALA A 39 -35.45 -10.17 -2.15
CA ALA A 39 -35.35 -9.32 -3.32
C ALA A 39 -33.90 -8.89 -3.55
N ASN A 40 -33.50 -8.85 -4.82
CA ASN A 40 -32.16 -8.40 -5.17
C ASN A 40 -32.14 -7.81 -6.58
N LEU A 41 -31.99 -6.50 -6.65
CA LEU A 41 -32.08 -5.79 -7.92
C LEU A 41 -30.81 -4.99 -8.23
N LYS A 42 -30.46 -4.92 -9.51
CA LYS A 42 -29.34 -4.11 -9.95
C LYS A 42 -29.71 -3.29 -11.19
N ASP A 43 -29.55 -1.98 -11.08
CA ASP A 43 -29.75 -1.10 -12.23
C ASP A 43 -28.39 -0.67 -12.75
N THR A 44 -27.93 -1.31 -13.82
CA THR A 44 -26.63 -1.04 -14.39
C THR A 44 -26.59 0.31 -15.10
N LEU A 45 -25.49 1.03 -14.92
CA LEU A 45 -25.29 2.29 -15.62
C LEU A 45 -25.09 2.02 -17.11
N ASP A 46 -26.20 2.04 -17.85
CA ASP A 46 -26.17 1.73 -19.28
C ASP A 46 -27.22 2.54 -20.03
N LYS A 57 -22.16 11.54 -14.24
CA LYS A 57 -23.12 10.50 -14.60
C LYS A 57 -23.27 9.46 -13.50
N ALA A 58 -22.17 9.16 -12.81
CA ALA A 58 -22.14 8.15 -11.77
C ALA A 58 -23.03 8.53 -10.59
N HIS A 59 -22.88 9.77 -10.11
CA HIS A 59 -23.66 10.24 -8.96
C HIS A 59 -25.11 10.49 -9.32
N ILE A 60 -25.38 10.81 -10.58
CA ILE A 60 -26.75 11.08 -11.04
C ILE A 60 -27.53 9.78 -11.20
N HIS A 61 -26.86 8.75 -11.73
CA HIS A 61 -27.50 7.46 -11.97
C HIS A 61 -28.09 6.87 -10.70
N HIS A 62 -27.29 6.82 -9.64
CA HIS A 62 -27.77 6.35 -8.36
C HIS A 62 -28.86 7.28 -7.84
N GLN A 63 -28.62 8.58 -7.94
CA GLN A 63 -29.54 9.60 -7.43
C GLN A 63 -30.93 9.51 -8.04
N ALA A 64 -30.99 9.04 -9.29
CA ALA A 64 -32.25 8.98 -10.00
C ALA A 64 -32.91 7.61 -9.91
N ARG A 65 -32.14 6.60 -9.55
CA ARG A 65 -32.67 5.23 -9.59
C ARG A 65 -32.68 4.51 -8.25
N ILE A 66 -32.07 5.11 -7.22
CA ILE A 66 -32.09 4.50 -5.90
C ILE A 66 -33.52 4.47 -5.35
N GLY A 67 -34.30 5.49 -5.70
CA GLY A 67 -35.67 5.60 -5.23
C GLY A 67 -36.61 4.53 -5.74
N PRO A 68 -36.88 4.53 -7.06
CA PRO A 68 -37.77 3.54 -7.67
C PRO A 68 -37.33 2.10 -7.45
N LEU A 69 -36.03 1.89 -7.30
CA LEU A 69 -35.49 0.54 -7.16
C LEU A 69 -35.86 -0.08 -5.81
N THR A 70 -35.65 0.67 -4.73
CA THR A 70 -35.99 0.19 -3.39
C THR A 70 -37.49 -0.02 -3.25
N GLU A 71 -38.25 0.92 -3.78
CA GLU A 71 -39.71 0.83 -3.78
C GLU A 71 -40.17 -0.46 -4.46
N ARG A 72 -39.55 -0.75 -5.60
CA ARG A 72 -39.81 -1.97 -6.33
C ARG A 72 -39.36 -3.19 -5.54
N ALA A 73 -38.25 -3.04 -4.82
CA ALA A 73 -37.72 -4.13 -4.01
C ALA A 73 -38.65 -4.47 -2.85
N LEU A 74 -39.14 -3.45 -2.16
CA LEU A 74 -40.04 -3.64 -1.03
C LEU A 74 -41.36 -4.29 -1.46
N ILE A 75 -41.82 -3.96 -2.67
CA ILE A 75 -43.02 -4.54 -3.21
C ILE A 75 -42.82 -6.03 -3.52
N GLU A 76 -41.73 -6.34 -4.20
CA GLU A 76 -41.41 -7.71 -4.57
C GLU A 76 -41.09 -8.56 -3.34
N SER A 77 -40.40 -7.97 -2.38
CA SER A 77 -40.03 -8.68 -1.16
C SER A 77 -41.22 -8.82 -0.22
N ASN A 78 -42.23 -7.97 -0.44
CA ASN A 78 -43.46 -7.97 0.35
C ASN A 78 -43.19 -7.71 1.83
N ALA A 79 -42.31 -6.75 2.11
CA ALA A 79 -41.92 -6.46 3.48
C ALA A 79 -41.47 -5.00 3.67
N ARG A 80 -42.34 -4.07 3.29
CA ARG A 80 -42.04 -2.66 3.48
C ARG A 80 -42.07 -2.29 4.96
N GLU A 81 -42.97 -2.93 5.71
CA GLU A 81 -43.11 -2.68 7.13
C GLU A 81 -42.62 -3.86 7.97
N GLY A 82 -41.50 -4.45 7.57
CA GLY A 82 -40.99 -5.62 8.27
C GLY A 82 -39.48 -5.68 8.36
N ILE A 83 -38.80 -4.71 7.77
CA ILE A 83 -37.34 -4.67 7.80
C ILE A 83 -36.86 -4.02 9.09
N ASP A 84 -35.87 -4.66 9.74
CA ASP A 84 -35.43 -4.24 11.06
C ASP A 84 -34.02 -3.64 11.06
N LEU A 85 -33.37 -3.66 9.91
CA LEU A 85 -32.00 -3.16 9.82
C LEU A 85 -31.68 -2.63 8.42
N ILE A 86 -30.98 -1.50 8.39
CA ILE A 86 -30.56 -0.91 7.13
C ILE A 86 -29.05 -0.93 6.99
N CYS A 87 -28.57 -1.56 5.92
CA CYS A 87 -27.14 -1.62 5.66
C CYS A 87 -26.82 -0.93 4.34
N VAL A 88 -25.77 -0.11 4.35
CA VAL A 88 -25.40 0.66 3.17
C VAL A 88 -23.88 0.85 3.11
N THR A 89 -23.33 0.80 1.90
CA THR A 89 -21.91 1.01 1.70
C THR A 89 -21.51 2.44 2.03
N ARG A 90 -20.65 2.60 3.04
CA ARG A 90 -20.19 3.90 3.47
C ARG A 90 -18.94 4.30 2.68
N GLY A 91 -18.26 3.29 2.14
CA GLY A 91 -17.05 3.50 1.38
C GLY A 91 -16.28 2.20 1.22
N PRO A 92 -15.15 2.24 0.48
CA PRO A 92 -14.67 3.43 -0.21
C PRO A 92 -15.30 3.59 -1.59
N GLY A 93 -15.01 4.70 -2.26
CA GLY A 93 -15.56 4.97 -3.58
C GLY A 93 -15.67 6.45 -3.85
N MET A 94 -16.52 6.81 -4.81
CA MET A 94 -16.76 8.21 -5.13
C MET A 94 -17.82 8.79 -4.19
N PRO A 95 -17.52 9.93 -3.57
CA PRO A 95 -18.38 10.61 -2.58
C PRO A 95 -19.79 10.89 -3.13
N GLY A 96 -19.88 11.23 -4.41
CA GLY A 96 -21.16 11.50 -5.03
C GLY A 96 -22.04 10.27 -5.11
N SER A 97 -21.44 9.15 -5.52
CA SER A 97 -22.16 7.90 -5.65
C SER A 97 -22.51 7.31 -4.29
N LEU A 98 -21.58 7.41 -3.35
CA LEU A 98 -21.77 6.87 -2.00
C LEU A 98 -22.89 7.61 -1.26
N SER A 99 -22.92 8.93 -1.43
CA SER A 99 -23.92 9.77 -0.75
C SER A 99 -25.34 9.43 -1.17
N GLY A 100 -25.53 9.14 -2.46
CA GLY A 100 -26.84 8.84 -2.99
C GLY A 100 -27.54 7.70 -2.28
N GLY A 101 -26.77 6.68 -1.92
CA GLY A 101 -27.31 5.54 -1.21
C GLY A 101 -27.29 5.72 0.30
N LEU A 102 -26.28 6.44 0.79
CA LEU A 102 -26.13 6.65 2.23
C LEU A 102 -27.20 7.60 2.77
N ASP A 103 -27.41 8.73 2.10
CA ASP A 103 -28.43 9.69 2.52
C ASP A 103 -29.82 9.05 2.43
N PHE A 104 -30.02 8.28 1.37
CA PHE A 104 -31.28 7.57 1.16
C PHE A 104 -31.51 6.55 2.26
N ALA A 105 -30.45 5.86 2.65
CA ALA A 105 -30.52 4.84 3.70
C ALA A 105 -30.90 5.46 5.04
N LYS A 106 -30.36 6.64 5.32
CA LYS A 106 -30.67 7.36 6.54
C LYS A 106 -32.16 7.70 6.60
N GLY A 107 -32.71 8.09 5.46
CA GLY A 107 -34.13 8.38 5.36
C GLY A 107 -34.97 7.18 5.75
N LEU A 108 -34.61 6.02 5.24
CA LEU A 108 -35.28 4.78 5.60
C LEU A 108 -35.15 4.50 7.08
N ALA A 109 -33.94 4.71 7.61
CA ALA A 109 -33.66 4.41 9.01
C ALA A 109 -34.44 5.32 9.97
N VAL A 110 -34.51 6.60 9.64
CA VAL A 110 -35.22 7.56 10.49
C VAL A 110 -36.72 7.37 10.42
N ALA A 111 -37.23 7.12 9.22
CA ALA A 111 -38.65 6.92 9.01
C ALA A 111 -39.17 5.68 9.72
N TRP A 112 -38.37 4.62 9.69
CA TRP A 112 -38.73 3.35 10.33
C TRP A 112 -38.25 3.26 11.76
N ASN A 113 -37.45 4.24 12.18
CA ASN A 113 -36.80 4.23 13.49
C ASN A 113 -36.04 2.92 13.72
N LYS A 114 -35.22 2.56 12.74
CA LYS A 114 -34.46 1.32 12.80
C LYS A 114 -32.96 1.60 12.67
N PRO A 115 -32.12 0.74 13.28
CA PRO A 115 -30.66 0.88 13.26
C PRO A 115 -30.08 1.01 11.85
N LEU A 116 -28.90 1.60 11.77
CA LEU A 116 -28.21 1.76 10.49
C LEU A 116 -26.76 1.31 10.64
N ILE A 117 -26.25 0.64 9.62
CA ILE A 117 -24.85 0.22 9.63
C ILE A 117 -24.14 0.64 8.35
N GLY A 118 -23.14 1.52 8.50
CA GLY A 118 -22.31 1.94 7.39
C GLY A 118 -21.25 0.89 7.11
N VAL A 119 -21.41 0.17 6.00
CA VAL A 119 -20.58 -0.99 5.72
C VAL A 119 -19.42 -0.65 4.78
N HIS A 120 -18.25 -1.22 5.08
CA HIS A 120 -17.09 -1.12 4.19
C HIS A 120 -17.31 -2.03 2.98
N HIS A 121 -17.10 -1.49 1.78
CA HIS A 121 -17.37 -2.23 0.55
C HIS A 121 -16.55 -3.51 0.44
N MET A 122 -15.26 -3.43 0.72
CA MET A 122 -14.38 -4.59 0.61
C MET A 122 -14.72 -5.65 1.65
N LEU A 123 -15.27 -5.21 2.78
CA LEU A 123 -15.71 -6.13 3.82
C LEU A 123 -16.76 -7.09 3.28
N GLY A 124 -17.65 -6.56 2.44
CA GLY A 124 -18.69 -7.36 1.82
C GLY A 124 -18.13 -8.48 0.95
N HIS A 125 -17.12 -8.16 0.16
CA HIS A 125 -16.48 -9.15 -0.71
C HIS A 125 -15.80 -10.26 0.08
N LEU A 126 -15.22 -9.91 1.23
CA LEU A 126 -14.48 -10.85 2.05
C LEU A 126 -15.39 -11.78 2.84
N LEU A 127 -16.50 -11.25 3.31
CA LEU A 127 -17.38 -11.96 4.23
C LEU A 127 -18.47 -12.77 3.53
N ILE A 128 -18.74 -12.45 2.28
CA ILE A 128 -19.85 -13.08 1.56
C ILE A 128 -19.73 -14.60 1.34
N PRO A 129 -18.50 -15.17 1.29
CA PRO A 129 -18.56 -16.62 1.16
C PRO A 129 -19.00 -17.35 2.43
N ARG A 130 -19.02 -16.63 3.55
CA ARG A 130 -19.44 -17.23 4.80
C ARG A 130 -20.96 -17.41 4.84
N MET A 131 -21.68 -16.42 4.31
CA MET A 131 -23.14 -16.35 4.35
C MET A 131 -23.85 -17.67 4.08
N GLY A 132 -23.39 -18.41 3.08
CA GLY A 132 -23.98 -19.68 2.72
C GLY A 132 -24.02 -20.67 3.87
N THR A 133 -22.94 -20.72 4.64
CA THR A 133 -22.86 -21.61 5.79
C THR A 133 -22.90 -20.83 7.09
N ASN A 134 -23.74 -19.80 7.12
CA ASN A 134 -23.82 -18.87 8.24
C ASN A 134 -22.47 -18.24 8.53
N GLY A 135 -21.86 -18.57 9.66
CA GLY A 135 -20.56 -18.05 9.99
C GLY A 135 -19.54 -19.16 10.19
N LYS A 136 -19.88 -20.35 9.72
CA LYS A 136 -19.07 -21.54 9.95
C LYS A 136 -17.89 -21.65 8.99
N VAL A 137 -18.15 -21.48 7.70
CA VAL A 137 -17.13 -21.69 6.68
C VAL A 137 -17.08 -20.54 5.69
N PRO A 138 -15.89 -19.96 5.48
CA PRO A 138 -14.64 -20.32 6.17
C PRO A 138 -14.50 -19.63 7.52
N GLN A 139 -13.65 -20.18 8.39
CA GLN A 139 -13.43 -19.59 9.70
C GLN A 139 -12.11 -18.84 9.78
N PHE A 140 -12.07 -17.83 10.64
CA PHE A 140 -10.85 -17.06 10.86
C PHE A 140 -9.80 -17.93 11.55
N PRO A 141 -8.53 -17.80 11.14
CA PRO A 141 -8.10 -16.92 10.06
C PRO A 141 -8.21 -17.57 8.68
N PHE A 142 -8.48 -16.76 7.67
CA PHE A 142 -8.49 -17.23 6.29
C PHE A 142 -8.01 -16.12 5.36
N VAL A 143 -7.45 -16.51 4.22
CA VAL A 143 -6.97 -15.55 3.24
C VAL A 143 -7.93 -15.50 2.05
N SER A 144 -7.98 -14.36 1.39
CA SER A 144 -8.91 -14.16 0.28
C SER A 144 -8.26 -13.44 -0.90
N LEU A 145 -8.61 -13.87 -2.11
CA LEU A 145 -8.14 -13.21 -3.32
C LEU A 145 -9.30 -12.59 -4.08
N LEU A 146 -9.43 -11.28 -3.97
CA LEU A 146 -10.49 -10.56 -4.65
C LEU A 146 -10.04 -10.15 -6.06
N VAL A 147 -10.51 -10.86 -7.06
CA VAL A 147 -10.14 -10.55 -8.44
C VAL A 147 -11.37 -10.21 -9.29
N SER A 148 -11.60 -8.92 -9.48
CA SER A 148 -12.76 -8.46 -10.24
C SER A 148 -12.36 -7.45 -11.32
N GLY A 149 -13.31 -6.61 -11.71
CA GLY A 149 -13.06 -5.57 -12.70
C GLY A 149 -12.64 -4.28 -12.06
N GLY A 150 -12.67 -4.23 -10.74
CA GLY A 150 -12.29 -3.04 -10.00
C GLY A 150 -11.35 -3.34 -8.86
N HIS A 151 -11.22 -4.61 -8.50
CA HIS A 151 -10.36 -5.01 -7.39
C HIS A 151 -9.41 -6.12 -7.79
N THR A 152 -8.18 -6.04 -7.27
CA THR A 152 -7.23 -7.15 -7.36
C THR A 152 -6.37 -7.11 -6.11
N THR A 153 -6.86 -7.77 -5.06
CA THR A 153 -6.24 -7.67 -3.74
C THR A 153 -6.15 -9.02 -3.05
N PHE A 154 -5.11 -9.18 -2.24
CA PHE A 154 -4.94 -10.36 -1.39
C PHE A 154 -5.05 -9.93 0.07
N VAL A 155 -6.06 -10.46 0.76
CA VAL A 155 -6.37 -10.00 2.11
C VAL A 155 -6.29 -11.11 3.16
N LEU A 156 -5.69 -10.80 4.29
CA LEU A 156 -5.71 -11.71 5.45
C LEU A 156 -6.82 -11.30 6.41
N SER A 157 -7.64 -12.26 6.82
CA SER A 157 -8.75 -11.99 7.73
C SER A 157 -8.59 -12.74 9.04
N ARG A 158 -8.09 -12.04 10.05
CA ARG A 158 -7.87 -12.64 11.37
C ARG A 158 -9.15 -12.65 12.20
N ALA A 159 -10.04 -11.70 11.93
CA ALA A 159 -11.31 -11.62 12.66
C ALA A 159 -12.33 -10.84 11.85
N ILE A 160 -13.55 -10.74 12.38
CA ILE A 160 -14.62 -10.02 11.71
C ILE A 160 -14.31 -8.54 11.58
N ASP A 161 -13.39 -8.05 12.41
CA ASP A 161 -12.99 -6.65 12.39
C ASP A 161 -11.51 -6.50 12.05
N ASP A 162 -10.78 -7.61 12.13
CA ASP A 162 -9.35 -7.60 11.87
C ASP A 162 -9.03 -8.11 10.46
N HIS A 163 -8.86 -7.19 9.52
CA HIS A 163 -8.51 -7.54 8.15
C HIS A 163 -7.27 -6.78 7.70
N GLU A 164 -6.37 -7.48 7.01
CA GLU A 164 -5.12 -6.89 6.56
C GLU A 164 -4.85 -7.15 5.09
N ILE A 165 -4.55 -6.08 4.35
CA ILE A 165 -4.19 -6.21 2.94
C ILE A 165 -2.72 -6.56 2.80
N LEU A 166 -2.45 -7.69 2.15
CA LEU A 166 -1.09 -8.20 2.01
C LEU A 166 -0.50 -7.85 0.65
N CYS A 167 -1.38 -7.68 -0.34
CA CYS A 167 -0.97 -7.33 -1.69
C CYS A 167 -2.12 -6.70 -2.46
N ASP A 168 -1.90 -5.49 -2.95
CA ASP A 168 -2.93 -4.76 -3.68
C ASP A 168 -2.39 -4.29 -5.03
N THR A 169 -3.27 -4.10 -6.00
CA THR A 169 -2.86 -3.65 -7.31
C THR A 169 -2.51 -2.16 -7.31
N ILE A 170 -1.62 -1.76 -8.22
CA ILE A 170 -1.15 -0.39 -8.29
C ILE A 170 -1.98 0.43 -9.28
N ASP A 171 -2.11 -0.08 -10.49
CA ASP A 171 -2.79 0.64 -11.56
C ASP A 171 -4.24 0.24 -11.71
N ILE A 172 -4.50 -0.80 -12.50
CA ILE A 172 -5.85 -1.27 -12.76
C ILE A 172 -6.08 -2.67 -12.21
N ALA A 173 -7.32 -3.13 -12.29
CA ALA A 173 -7.66 -4.48 -11.84
C ALA A 173 -7.38 -5.50 -12.94
N VAL A 174 -7.37 -6.78 -12.56
CA VAL A 174 -7.11 -7.85 -13.52
C VAL A 174 -8.22 -7.93 -14.55
N GLY A 175 -9.46 -7.71 -14.11
CA GLY A 175 -10.61 -7.73 -15.01
C GLY A 175 -10.57 -6.59 -16.01
N ASP A 176 -10.08 -5.44 -15.55
CA ASP A 176 -9.94 -4.28 -16.41
C ASP A 176 -8.88 -4.54 -17.50
N SER A 177 -7.85 -5.29 -17.13
CA SER A 177 -6.76 -5.59 -18.04
C SER A 177 -7.13 -6.66 -19.06
N LEU A 178 -7.82 -7.70 -18.59
CA LEU A 178 -8.23 -8.80 -19.46
C LEU A 178 -9.24 -8.33 -20.50
N ASP A 179 -10.16 -7.47 -20.09
CA ASP A 179 -11.14 -6.90 -21.01
C ASP A 179 -10.45 -6.05 -22.06
N LYS A 180 -9.52 -5.21 -21.62
CA LYS A 180 -8.76 -4.33 -22.51
C LYS A 180 -7.96 -5.14 -23.53
N CYS A 181 -7.46 -6.29 -23.11
CA CYS A 181 -6.74 -7.19 -24.01
C CYS A 181 -7.72 -8.02 -24.83
N GLY A 182 -8.92 -8.20 -24.31
CA GLY A 182 -9.94 -8.96 -25.00
C GLY A 182 -10.54 -8.18 -26.15
N ARG A 183 -10.61 -6.86 -26.01
CA ARG A 183 -11.14 -6.00 -27.06
C ARG A 183 -10.11 -5.77 -28.16
N GLU A 184 -8.86 -6.18 -27.91
CA GLU A 184 -7.79 -6.01 -28.88
C GLU A 184 -7.57 -7.27 -29.71
N LEU A 185 -8.20 -8.36 -29.31
CA LEU A 185 -8.10 -9.63 -30.03
C LEU A 185 -8.94 -9.79 -31.32
N GLY A 186 -10.18 -9.31 -31.38
CA GLY A 186 -10.88 -8.58 -30.34
C GLY A 186 -12.28 -9.07 -30.06
N PHE A 187 -12.58 -9.27 -28.78
CA PHE A 187 -13.90 -9.73 -28.36
C PHE A 187 -14.75 -8.56 -27.90
N LYS A 188 -16.07 -8.72 -28.01
CA LYS A 188 -17.00 -7.70 -27.53
C LYS A 188 -17.97 -8.31 -26.54
N GLY A 189 -18.81 -7.47 -25.93
CA GLY A 189 -19.81 -7.94 -24.99
C GLY A 189 -19.73 -7.28 -23.64
N THR A 190 -20.67 -7.64 -22.76
CA THR A 190 -20.73 -7.08 -21.41
C THR A 190 -19.47 -7.42 -20.61
N MET A 191 -19.15 -8.72 -20.56
CA MET A 191 -17.95 -9.17 -19.89
C MET A 191 -17.01 -9.84 -20.90
N ILE A 192 -16.07 -9.06 -21.42
CA ILE A 192 -15.21 -9.48 -22.52
C ILE A 192 -14.30 -10.65 -22.16
N ALA A 193 -13.70 -10.59 -20.97
CA ALA A 193 -12.77 -11.61 -20.52
C ALA A 193 -13.41 -12.99 -20.43
N ARG A 194 -14.69 -13.02 -20.07
CA ARG A 194 -15.44 -14.27 -19.99
C ARG A 194 -15.62 -14.89 -21.37
N GLU A 195 -15.81 -14.03 -22.36
CA GLU A 195 -15.97 -14.48 -23.75
C GLU A 195 -14.64 -14.94 -24.33
N MET A 196 -13.55 -14.31 -23.90
CA MET A 196 -12.22 -14.65 -24.38
C MET A 196 -11.81 -16.06 -23.94
N GLU A 197 -12.33 -16.48 -22.78
CA GLU A 197 -12.04 -17.80 -22.25
C GLU A 197 -12.69 -18.89 -23.10
N LYS A 198 -13.85 -18.57 -23.64
CA LYS A 198 -14.62 -19.54 -24.43
C LYS A 198 -13.92 -19.92 -25.73
N PHE A 199 -13.56 -18.92 -26.52
CA PHE A 199 -12.92 -19.15 -27.82
C PHE A 199 -11.59 -19.87 -27.67
N ILE A 200 -10.97 -19.73 -26.50
CA ILE A 200 -9.71 -20.40 -26.22
C ILE A 200 -9.94 -21.80 -25.69
N ASN A 201 -11.14 -22.05 -25.15
CA ASN A 201 -11.49 -23.36 -24.63
C ASN A 201 -12.11 -24.27 -25.69
N GLN A 202 -12.82 -23.67 -26.65
CA GLN A 202 -13.37 -24.43 -27.77
C GLN A 202 -12.24 -25.06 -28.56
N ASP A 203 -11.11 -24.38 -28.60
CA ASP A 203 -9.90 -24.91 -29.20
C ASP A 203 -8.81 -25.03 -28.14
N ILE A 204 -9.17 -25.61 -27.00
CA ILE A 204 -8.23 -25.79 -25.89
C ILE A 204 -7.03 -26.63 -26.34
N ASN A 205 -7.29 -27.56 -27.25
CA ASN A 205 -6.23 -28.35 -27.86
C ASN A 205 -6.30 -28.23 -29.38
N ASP A 206 -7.42 -27.68 -29.86
CA ASP A 206 -7.64 -27.55 -31.31
C ASP A 206 -7.02 -26.28 -31.87
N GLN A 207 -6.47 -25.44 -31.00
CA GLN A 207 -5.79 -24.23 -31.44
C GLN A 207 -4.34 -24.55 -31.79
N ASP A 208 -3.89 -24.04 -32.92
CA ASP A 208 -2.51 -24.25 -33.36
C ASP A 208 -1.52 -23.57 -32.44
N PHE A 209 -0.83 -24.36 -31.62
CA PHE A 209 0.19 -23.84 -30.72
C PHE A 209 1.43 -23.41 -31.51
N ALA A 210 1.28 -22.38 -32.33
CA ALA A 210 2.34 -21.91 -33.20
C ALA A 210 2.94 -20.61 -32.70
N LEU A 211 2.12 -19.81 -32.02
CA LEU A 211 2.56 -18.50 -31.54
C LEU A 211 3.20 -18.58 -30.16
N LYS A 212 4.42 -18.05 -30.06
CA LYS A 212 5.08 -17.90 -28.78
C LYS A 212 5.02 -16.45 -28.36
N LEU A 213 3.93 -16.08 -27.69
CA LEU A 213 3.68 -14.70 -27.31
C LEU A 213 4.71 -14.18 -26.32
N GLU A 214 4.80 -12.85 -26.18
CA GLU A 214 5.77 -12.25 -25.29
C GLU A 214 5.10 -11.30 -24.29
N MET A 215 4.83 -11.79 -23.10
CA MET A 215 4.20 -11.00 -22.05
C MET A 215 5.13 -10.84 -20.85
N PRO A 216 5.00 -9.72 -20.13
CA PRO A 216 5.84 -9.48 -18.95
C PRO A 216 5.47 -10.38 -17.78
N ARG A 226 9.67 0.14 -1.53
CA ARG A 226 8.37 -0.46 -1.77
C ARG A 226 7.60 -0.68 -0.47
N ASN A 227 8.20 -1.47 0.43
CA ASN A 227 7.63 -1.75 1.75
C ASN A 227 6.25 -2.40 1.70
N MET A 228 5.85 -2.83 0.51
CA MET A 228 4.55 -3.49 0.30
C MET A 228 4.47 -4.07 -1.10
N LEU A 229 4.25 -5.37 -1.19
CA LEU A 229 4.12 -6.05 -2.48
C LEU A 229 2.88 -5.57 -3.22
N SER A 230 2.93 -5.62 -4.54
CA SER A 230 1.85 -5.07 -5.35
C SER A 230 1.63 -5.81 -6.67
N PHE A 231 0.42 -5.67 -7.20
CA PHE A 231 0.11 -6.17 -8.53
C PHE A 231 0.27 -5.07 -9.57
N SER A 232 0.28 -5.46 -10.84
CA SER A 232 0.33 -4.50 -11.94
C SER A 232 -0.18 -5.15 -13.22
N PHE A 233 -1.06 -4.44 -13.92
CA PHE A 233 -1.69 -4.99 -15.11
C PHE A 233 -1.75 -3.98 -16.25
N SER A 234 -1.21 -2.78 -16.03
CA SER A 234 -1.22 -1.74 -17.06
C SER A 234 -0.31 -2.05 -18.25
N ALA A 235 0.71 -2.87 -18.03
CA ALA A 235 1.69 -3.16 -19.07
C ALA A 235 1.24 -4.27 -20.02
N PHE A 236 0.25 -5.06 -19.60
CA PHE A 236 -0.17 -6.21 -20.40
C PHE A 236 -0.82 -5.80 -21.72
N ILE A 237 -1.60 -4.72 -21.71
CA ILE A 237 -2.21 -4.21 -22.93
C ILE A 237 -1.13 -3.63 -23.84
N THR A 238 -0.14 -2.97 -23.23
CA THR A 238 0.95 -2.37 -23.99
C THR A 238 1.82 -3.44 -24.64
N ALA A 239 2.14 -4.48 -23.87
CA ALA A 239 2.95 -5.58 -24.37
C ALA A 239 2.20 -6.38 -25.44
N LEU A 240 0.89 -6.44 -25.30
CA LEU A 240 0.05 -7.11 -26.28
C LEU A 240 0.11 -6.40 -27.63
N ARG A 241 0.05 -5.08 -27.58
CA ARG A 241 0.10 -4.27 -28.80
C ARG A 241 1.47 -4.38 -29.48
N THR A 242 2.51 -4.60 -28.69
CA THR A 242 3.87 -4.65 -29.21
C THR A 242 4.26 -6.06 -29.66
N ASN A 243 3.29 -6.97 -29.66
CA ASN A 243 3.51 -8.32 -30.17
C ASN A 243 2.71 -8.57 -31.44
N LEU A 244 1.54 -7.92 -31.52
CA LEU A 244 0.71 -7.99 -32.72
C LEU A 244 1.33 -7.13 -33.82
N THR A 245 2.27 -6.27 -33.44
CA THR A 245 2.96 -5.41 -34.39
C THR A 245 4.09 -6.17 -35.09
N LYS A 246 4.49 -7.30 -34.52
CA LYS A 246 5.49 -8.15 -35.14
C LYS A 246 4.81 -9.26 -35.93
N LEU A 247 3.51 -9.38 -35.77
CA LEU A 247 2.71 -10.34 -36.52
C LEU A 247 1.63 -9.62 -37.33
N GLY A 248 0.40 -10.07 -37.19
CA GLY A 248 -0.72 -9.46 -37.90
C GLY A 248 -1.98 -9.40 -37.06
N LYS A 249 -2.84 -8.44 -37.39
CA LYS A 249 -4.10 -8.27 -36.67
C LYS A 249 -5.29 -8.72 -37.52
N THR A 250 -6.02 -9.72 -37.06
CA THR A 250 -7.16 -10.24 -37.78
C THR A 250 -8.31 -9.24 -37.81
N PRO A 256 -7.24 -16.51 -38.54
CA PRO A 256 -7.08 -17.91 -38.17
C PRO A 256 -7.44 -18.17 -36.71
N GLU A 257 -8.56 -18.85 -36.49
CA GLU A 257 -9.04 -19.15 -35.14
C GLU A 257 -8.07 -20.07 -34.40
N ARG A 258 -7.28 -20.82 -35.15
CA ARG A 258 -6.25 -21.67 -34.56
C ARG A 258 -5.13 -20.81 -33.96
N GLU A 259 -5.05 -19.57 -34.44
CA GLU A 259 -4.06 -18.62 -33.95
C GLU A 259 -4.67 -17.69 -32.90
N ILE A 260 -5.93 -17.32 -33.11
CA ILE A 260 -6.63 -16.44 -32.18
C ILE A 260 -6.78 -17.09 -30.81
N ARG A 261 -7.24 -18.34 -30.81
CA ARG A 261 -7.40 -19.10 -29.58
C ARG A 261 -6.06 -19.38 -28.91
N SER A 262 -5.00 -19.42 -29.72
CA SER A 262 -3.65 -19.66 -29.21
C SER A 262 -3.12 -18.44 -28.47
N ILE A 263 -3.28 -17.26 -29.08
CA ILE A 263 -2.83 -16.02 -28.47
C ILE A 263 -3.59 -15.73 -27.18
N ALA A 264 -4.91 -15.88 -27.23
CA ALA A 264 -5.76 -15.62 -26.07
C ALA A 264 -5.37 -16.45 -24.87
N TYR A 265 -4.90 -17.68 -25.12
CA TYR A 265 -4.46 -18.56 -24.05
C TYR A 265 -3.22 -18.02 -23.35
N GLN A 266 -2.24 -17.59 -24.13
CA GLN A 266 -0.98 -17.09 -23.58
C GLN A 266 -1.16 -15.76 -22.86
N VAL A 267 -2.18 -15.00 -23.26
CA VAL A 267 -2.48 -13.74 -22.61
C VAL A 267 -2.98 -13.96 -21.17
N GLN A 268 -4.06 -14.72 -21.05
CA GLN A 268 -4.65 -14.99 -19.74
C GLN A 268 -3.71 -15.78 -18.84
N GLU A 269 -2.87 -16.62 -19.47
CA GLU A 269 -1.92 -17.43 -18.72
C GLU A 269 -0.89 -16.55 -18.02
N SER A 270 -0.33 -15.60 -18.77
CA SER A 270 0.70 -14.73 -18.22
C SER A 270 0.14 -13.76 -17.18
N VAL A 271 -1.10 -13.35 -17.36
CA VAL A 271 -1.77 -12.49 -16.38
C VAL A 271 -1.95 -13.24 -15.07
N PHE A 272 -2.39 -14.49 -15.17
CA PHE A 272 -2.55 -15.34 -14.00
C PHE A 272 -1.19 -15.72 -13.42
N ASP A 273 -0.17 -15.79 -14.27
CA ASP A 273 1.19 -16.06 -13.83
C ASP A 273 1.68 -14.98 -12.89
N HIS A 274 1.33 -13.73 -13.20
CA HIS A 274 1.74 -12.59 -12.38
C HIS A 274 1.12 -12.65 -11.00
N ILE A 275 -0.14 -13.05 -10.94
CA ILE A 275 -0.86 -13.15 -9.66
C ILE A 275 -0.28 -14.23 -8.77
N ILE A 276 -0.16 -15.44 -9.31
CA ILE A 276 0.39 -16.57 -8.57
C ILE A 276 1.80 -16.27 -8.07
N ASN A 277 2.58 -15.58 -8.90
CA ASN A 277 3.95 -15.21 -8.52
C ASN A 277 3.99 -14.28 -7.31
N LYS A 278 3.09 -13.30 -7.29
CA LYS A 278 3.04 -12.34 -6.20
C LYS A 278 2.47 -12.97 -4.93
N LEU A 279 1.48 -13.85 -5.10
CA LEU A 279 0.92 -14.60 -3.98
C LEU A 279 1.99 -15.47 -3.33
N LYS A 280 2.86 -16.04 -4.16
CA LYS A 280 3.97 -16.86 -3.67
C LYS A 280 4.93 -16.03 -2.83
N HIS A 281 5.23 -14.81 -3.31
CA HIS A 281 6.13 -13.92 -2.60
C HIS A 281 5.58 -13.57 -1.22
N VAL A 282 4.26 -13.33 -1.15
CA VAL A 282 3.60 -13.01 0.10
C VAL A 282 3.68 -14.18 1.09
N LEU A 283 3.36 -15.37 0.60
CA LEU A 283 3.33 -16.57 1.43
C LEU A 283 4.73 -16.96 1.91
N LYS A 284 5.75 -16.49 1.19
CA LYS A 284 7.13 -16.81 1.54
C LYS A 284 7.74 -15.75 2.46
N SER A 285 7.26 -14.52 2.34
CA SER A 285 7.79 -13.41 3.13
C SER A 285 7.29 -13.44 4.57
N GLN A 286 6.01 -13.75 4.74
CA GLN A 286 5.40 -13.76 6.06
C GLN A 286 4.75 -15.10 6.41
N PRO A 287 5.58 -16.12 6.70
CA PRO A 287 5.06 -17.45 7.03
C PRO A 287 4.34 -17.48 8.38
N GLU A 288 4.68 -16.54 9.26
CA GLU A 288 4.08 -16.47 10.58
C GLU A 288 2.63 -16.01 10.52
N LYS A 289 2.30 -15.24 9.50
CA LYS A 289 0.94 -14.75 9.30
C LYS A 289 -0.03 -15.87 8.95
N PHE A 290 0.50 -16.94 8.37
CA PHE A 290 -0.34 -17.96 7.77
C PHE A 290 -0.24 -19.31 8.47
N LYS A 291 0.06 -19.28 9.77
CA LYS A 291 0.27 -20.50 10.53
C LYS A 291 -1.04 -21.23 10.84
N ASN A 292 -2.13 -20.48 10.95
CA ASN A 292 -3.39 -21.06 11.41
C ASN A 292 -4.52 -20.98 10.38
N VAL A 293 -4.20 -20.65 9.14
CA VAL A 293 -5.21 -20.60 8.09
C VAL A 293 -5.12 -21.84 7.21
N ARG A 294 -6.28 -22.44 6.92
CA ARG A 294 -6.33 -23.64 6.10
C ARG A 294 -7.41 -23.52 5.02
N GLU A 295 -7.77 -22.29 4.69
CA GLU A 295 -8.81 -22.05 3.69
C GLU A 295 -8.52 -20.83 2.84
N PHE A 296 -8.51 -21.02 1.53
CA PHE A 296 -8.23 -19.97 0.57
C PHE A 296 -9.51 -19.59 -0.17
N VAL A 297 -9.86 -18.30 -0.16
CA VAL A 297 -11.06 -17.85 -0.85
C VAL A 297 -10.71 -16.99 -2.06
N CYS A 298 -11.21 -17.40 -3.23
CA CYS A 298 -11.02 -16.62 -4.44
C CYS A 298 -12.37 -16.14 -4.96
N SER A 299 -12.67 -14.87 -4.73
CA SER A 299 -13.91 -14.28 -5.20
C SER A 299 -13.64 -13.19 -6.22
N GLY A 300 -14.69 -12.52 -6.68
CA GLY A 300 -14.58 -11.55 -7.75
C GLY A 300 -15.02 -12.18 -9.05
N GLY A 301 -15.30 -11.35 -10.06
CA GLY A 301 -15.79 -11.83 -11.33
C GLY A 301 -14.84 -12.77 -12.03
N VAL A 302 -13.54 -12.49 -11.93
CA VAL A 302 -12.52 -13.28 -12.60
C VAL A 302 -12.38 -14.67 -11.97
N SER A 303 -12.83 -14.80 -10.73
CA SER A 303 -12.68 -16.05 -9.98
C SER A 303 -13.45 -17.22 -10.59
N SER A 304 -14.34 -16.93 -11.54
CA SER A 304 -15.09 -17.97 -12.21
C SER A 304 -14.28 -18.64 -13.32
N ASN A 305 -13.09 -18.08 -13.58
CA ASN A 305 -12.19 -18.63 -14.58
C ASN A 305 -11.60 -19.96 -14.11
N GLN A 306 -11.89 -21.03 -14.85
CA GLN A 306 -11.45 -22.36 -14.49
C GLN A 306 -9.92 -22.48 -14.47
N ARG A 307 -9.27 -21.86 -15.46
CA ARG A 307 -7.82 -21.92 -15.56
C ARG A 307 -7.17 -21.23 -14.36
N LEU A 308 -7.74 -20.11 -13.93
CA LEU A 308 -7.27 -19.40 -12.76
C LEU A 308 -7.48 -20.25 -11.51
N ARG A 309 -8.65 -20.88 -11.41
CA ARG A 309 -8.96 -21.77 -10.31
C ARG A 309 -7.97 -22.93 -10.25
N THR A 310 -7.55 -23.39 -11.42
CA THR A 310 -6.66 -24.54 -11.52
C THR A 310 -5.24 -24.20 -11.08
N LYS A 311 -4.71 -23.08 -11.57
CA LYS A 311 -3.35 -22.67 -11.25
C LYS A 311 -3.19 -22.33 -9.77
N LEU A 312 -4.26 -21.82 -9.17
CA LEU A 312 -4.25 -21.53 -7.73
C LEU A 312 -4.07 -22.79 -6.91
N GLU A 313 -4.88 -23.81 -7.21
CA GLU A 313 -4.84 -25.07 -6.48
C GLU A 313 -3.59 -25.87 -6.80
N THR A 314 -3.02 -25.64 -7.98
CA THR A 314 -1.86 -26.39 -8.43
C THR A 314 -0.55 -25.84 -7.89
N GLU A 315 -0.31 -24.55 -8.13
CA GLU A 315 0.95 -23.92 -7.80
C GLU A 315 0.97 -23.33 -6.39
N LEU A 316 0.21 -23.95 -5.48
CA LEU A 316 0.21 -23.56 -4.08
C LEU A 316 0.14 -24.79 -3.18
N PHE A 325 -5.27 -27.00 3.44
CA PHE A 325 -5.41 -25.71 2.79
C PHE A 325 -6.49 -25.76 1.71
N ASN A 326 -7.73 -25.54 2.12
CA ASN A 326 -8.88 -25.67 1.23
C ASN A 326 -9.12 -24.43 0.36
N PHE A 327 -9.79 -24.64 -0.77
CA PHE A 327 -10.16 -23.55 -1.66
C PHE A 327 -11.67 -23.40 -1.77
N TYR A 328 -12.16 -22.18 -1.60
CA TYR A 328 -13.59 -21.90 -1.73
C TYR A 328 -13.84 -20.88 -2.83
N TYR A 329 -14.73 -21.23 -3.75
CA TYR A 329 -15.03 -20.37 -4.89
C TYR A 329 -16.48 -19.90 -4.88
N PRO A 330 -16.70 -18.66 -4.40
CA PRO A 330 -18.03 -18.04 -4.38
C PRO A 330 -18.66 -17.98 -5.77
N PRO A 331 -20.00 -18.02 -5.84
CA PRO A 331 -20.73 -18.00 -7.11
C PRO A 331 -20.55 -16.68 -7.87
N MET A 332 -21.08 -16.63 -9.10
CA MET A 332 -20.92 -15.46 -9.96
C MET A 332 -21.87 -14.34 -9.55
N ASP A 333 -23.05 -14.70 -9.07
CA ASP A 333 -24.07 -13.72 -8.73
C ASP A 333 -23.83 -13.06 -7.37
N LEU A 334 -22.70 -13.37 -6.75
CA LEU A 334 -22.35 -12.78 -5.46
C LEU A 334 -20.97 -12.15 -5.49
N CYS A 335 -20.12 -12.60 -6.41
CA CYS A 335 -18.77 -12.08 -6.52
C CYS A 335 -18.76 -10.69 -7.16
N SER A 336 -19.68 -10.47 -8.10
CA SER A 336 -19.84 -9.16 -8.71
C SER A 336 -20.45 -8.19 -7.70
N ASP A 337 -20.37 -6.89 -7.98
CA ASP A 337 -20.89 -5.88 -7.07
C ASP A 337 -22.39 -6.05 -6.86
N ASN A 338 -22.79 -6.24 -5.60
CA ASN A 338 -24.19 -6.37 -5.24
C ASN A 338 -24.41 -5.95 -3.79
N SER A 339 -25.67 -5.76 -3.42
CA SER A 339 -26.00 -5.27 -2.09
C SER A 339 -26.18 -6.40 -1.07
N ILE A 340 -26.34 -7.63 -1.57
CA ILE A 340 -26.51 -8.78 -0.68
C ILE A 340 -25.31 -8.95 0.26
N MET A 341 -24.11 -8.78 -0.29
CA MET A 341 -22.89 -8.91 0.50
C MET A 341 -22.81 -7.79 1.53
N ILE A 342 -23.43 -6.65 1.22
CA ILE A 342 -23.47 -5.53 2.15
C ILE A 342 -24.41 -5.84 3.30
N GLY A 343 -25.55 -6.44 2.97
CA GLY A 343 -26.52 -6.85 3.97
C GLY A 343 -25.95 -7.89 4.91
N TRP A 344 -25.30 -8.90 4.36
CA TRP A 344 -24.71 -9.95 5.17
C TRP A 344 -23.60 -9.43 6.07
N ALA A 345 -22.79 -8.51 5.53
CA ALA A 345 -21.70 -7.90 6.30
C ALA A 345 -22.27 -7.16 7.51
N GLY A 346 -23.37 -6.45 7.31
CA GLY A 346 -24.04 -5.75 8.39
C GLY A 346 -24.58 -6.71 9.44
N ILE A 347 -25.08 -7.85 8.99
CA ILE A 347 -25.54 -8.90 9.90
C ILE A 347 -24.37 -9.43 10.74
N GLU A 348 -23.22 -9.56 10.10
CA GLU A 348 -22.00 -10.01 10.78
C GLU A 348 -21.63 -9.09 11.93
N ILE A 349 -21.53 -7.80 11.65
CA ILE A 349 -21.05 -6.84 12.64
C ILE A 349 -22.12 -6.52 13.69
N TRP A 350 -23.38 -6.75 13.36
CA TRP A 350 -24.47 -6.45 14.28
C TRP A 350 -24.58 -7.52 15.36
N GLU A 351 -24.29 -8.76 14.99
CA GLU A 351 -24.43 -9.89 15.89
C GLU A 351 -23.13 -10.21 16.62
N SER A 352 -22.02 -10.18 15.89
CA SER A 352 -20.73 -10.54 16.45
C SER A 352 -20.09 -9.37 17.20
N LEU A 353 -20.12 -8.20 16.58
CA LEU A 353 -19.47 -7.01 17.16
C LEU A 353 -20.45 -6.19 17.99
N ARG A 354 -21.74 -6.48 17.84
CA ARG A 354 -22.80 -5.73 18.52
C ARG A 354 -22.68 -4.24 18.31
N LEU A 355 -22.26 -3.85 17.11
CA LEU A 355 -22.04 -2.45 16.77
C LEU A 355 -23.10 -1.91 15.85
N VAL A 356 -23.19 -0.59 15.78
CA VAL A 356 -24.14 0.08 14.90
C VAL A 356 -23.59 1.46 14.53
N SER A 357 -24.08 2.03 13.44
CA SER A 357 -23.57 3.31 12.96
C SER A 357 -24.46 4.47 13.38
N ASP A 358 -23.84 5.57 13.78
CA ASP A 358 -24.58 6.79 14.11
C ASP A 358 -25.22 7.37 12.85
N LEU A 359 -26.28 8.16 13.03
CA LEU A 359 -27.01 8.74 11.90
C LEU A 359 -26.26 9.89 11.24
N ASP A 360 -25.11 10.25 11.79
CA ASP A 360 -24.34 11.38 11.26
C ASP A 360 -23.18 10.95 10.37
N ILE A 361 -23.05 9.64 10.15
CA ILE A 361 -21.92 9.11 9.38
C ILE A 361 -21.91 9.66 7.96
N CYS A 362 -20.73 10.06 7.51
CA CYS A 362 -20.56 10.57 6.16
C CYS A 362 -19.77 9.57 5.33
N PRO A 363 -19.88 9.65 3.98
CA PRO A 363 -19.12 8.73 3.14
C PRO A 363 -17.61 8.92 3.29
N ILE A 364 -16.85 7.86 3.08
CA ILE A 364 -15.40 7.92 3.17
C ILE A 364 -14.75 7.56 1.84
N ARG A 365 -14.10 8.55 1.23
CA ARG A 365 -13.45 8.35 -0.07
C ARG A 365 -12.36 7.27 0.00
N GLN A 366 -11.38 7.48 0.86
CA GLN A 366 -10.34 6.49 1.10
C GLN A 366 -10.49 5.88 2.50
N TRP A 367 -10.88 4.60 2.54
CA TRP A 367 -11.12 3.92 3.81
C TRP A 367 -10.24 2.68 3.96
N PRO A 368 -9.11 2.83 4.66
CA PRO A 368 -8.21 1.70 4.95
C PRO A 368 -8.92 0.62 5.75
N LEU A 369 -8.82 -0.62 5.26
CA LEU A 369 -9.54 -1.74 5.85
C LEU A 369 -9.13 -2.02 7.29
N ASN A 370 -7.91 -1.61 7.65
CA ASN A 370 -7.44 -1.74 9.02
C ASN A 370 -8.06 -0.69 9.93
N ASP A 371 -8.56 0.39 9.33
CA ASP A 371 -9.21 1.46 10.08
C ASP A 371 -10.73 1.29 10.03
N LEU A 372 -11.19 0.05 10.05
CA LEU A 372 -12.61 -0.26 9.94
C LEU A 372 -13.43 0.33 11.08
N LEU A 373 -12.92 0.21 12.29
CA LEU A 373 -13.63 0.69 13.48
C LEU A 373 -12.96 1.92 14.07
N SER A 374 -11.91 2.39 13.40
CA SER A 374 -11.15 3.55 13.88
C SER A 374 -11.91 4.85 13.63
N VAL A 375 -12.73 4.86 12.59
CA VAL A 375 -13.41 6.06 12.16
C VAL A 375 -14.73 6.28 12.91
N ASP A 376 -15.07 7.54 13.13
CA ASP A 376 -16.38 7.90 13.66
C ASP A 376 -17.44 7.55 12.62
N GLY A 377 -18.58 7.03 13.07
CA GLY A 377 -18.86 6.82 14.48
C GLY A 377 -19.63 5.55 14.74
N TRP A 378 -18.95 4.54 15.27
CA TRP A 378 -19.59 3.30 15.64
C TRP A 378 -20.20 3.42 17.03
N ARG A 379 -21.17 2.57 17.34
CA ARG A 379 -21.79 2.55 18.65
C ARG A 379 -22.32 1.17 18.98
N THR A 380 -22.25 0.80 20.26
CA THR A 380 -22.68 -0.52 20.71
C THR A 380 -24.18 -0.58 20.99
N ASP A 381 -24.76 -1.77 20.82
CA ASP A 381 -26.11 -2.04 21.27
C ASP A 381 -26.02 -2.96 22.48
N GLN A 382 -24.80 -3.37 22.80
CA GLN A 382 -24.55 -4.32 23.88
C GLN A 382 -24.50 -3.61 25.23
N LYS B 7 29.41 2.82 33.82
CA LYS B 7 28.11 3.15 34.37
C LYS B 7 27.05 3.26 33.27
N GLY B 8 27.51 3.13 32.02
CA GLY B 8 26.62 3.10 30.88
C GLY B 8 27.00 1.97 29.95
N TYR B 9 26.60 2.05 28.68
CA TYR B 9 26.97 1.03 27.70
C TYR B 9 27.22 1.60 26.31
N LYS B 10 27.92 0.85 25.48
CA LYS B 10 28.25 1.29 24.13
C LYS B 10 27.61 0.39 23.08
N VAL B 11 27.28 0.98 21.93
CA VAL B 11 26.52 0.29 20.90
C VAL B 11 27.24 0.27 19.56
N LEU B 12 27.43 -0.93 19.01
CA LEU B 12 27.97 -1.07 17.66
C LEU B 12 26.82 -1.23 16.67
N ALA B 13 26.76 -0.34 15.69
CA ALA B 13 25.64 -0.33 14.75
C ALA B 13 26.11 -0.52 13.31
N ILE B 14 25.30 -1.22 12.51
CA ILE B 14 25.66 -1.53 11.13
C ILE B 14 24.49 -1.27 10.17
N GLU B 15 24.76 -0.46 9.14
CA GLU B 15 23.77 -0.21 8.09
C GLU B 15 24.27 -0.76 6.76
N THR B 16 23.46 -1.59 6.12
CA THR B 16 23.89 -2.30 4.92
C THR B 16 22.75 -2.56 3.94
N SER B 17 21.64 -1.86 4.11
CA SER B 17 20.46 -2.08 3.27
C SER B 17 20.52 -1.32 1.96
N CYS B 18 21.37 -0.30 1.89
CA CYS B 18 21.45 0.56 0.72
C CYS B 18 22.67 0.29 -0.14
N ASP B 19 23.20 1.35 -0.74
CA ASP B 19 24.40 1.24 -1.58
C ASP B 19 25.63 1.70 -0.79
N ASP B 20 25.44 1.98 0.49
CA ASP B 20 26.51 2.50 1.32
C ASP B 20 26.71 1.65 2.57
N THR B 21 27.92 1.12 2.73
CA THR B 21 28.27 0.37 3.94
C THR B 21 28.50 1.36 5.08
N CYS B 22 27.70 1.24 6.14
CA CYS B 22 27.77 2.18 7.24
C CYS B 22 27.98 1.49 8.58
N VAL B 23 28.94 2.00 9.36
CA VAL B 23 29.24 1.46 10.69
C VAL B 23 29.38 2.58 11.71
N SER B 24 28.72 2.43 12.85
CA SER B 24 28.78 3.44 13.90
C SER B 24 29.08 2.86 15.28
N VAL B 25 29.65 3.69 16.15
CA VAL B 25 29.86 3.33 17.54
C VAL B 25 29.29 4.41 18.44
N LEU B 26 28.20 4.09 19.14
CA LEU B 26 27.56 5.05 20.03
C LEU B 26 27.88 4.75 21.49
N ASP B 27 28.22 5.80 22.25
CA ASP B 27 28.47 5.65 23.68
C ASP B 27 27.29 6.13 24.49
N ARG B 28 26.33 5.24 24.72
CA ARG B 28 25.20 5.50 25.60
C ARG B 28 25.71 5.57 27.04
N PHE B 29 26.28 6.72 27.41
CA PHE B 29 26.90 6.86 28.72
C PHE B 29 25.87 7.15 29.80
N SER B 30 24.68 7.56 29.38
CA SER B 30 23.61 7.87 30.31
C SER B 30 22.25 7.67 29.67
N LYS B 31 21.33 7.08 30.42
CA LYS B 31 19.97 6.88 29.94
C LYS B 31 19.17 8.16 30.08
N SER B 32 19.75 9.13 30.78
CA SER B 32 19.11 10.43 30.96
C SER B 32 19.48 11.38 29.83
N ALA B 33 20.61 11.12 29.16
CA ALA B 33 21.10 11.99 28.12
C ALA B 33 21.30 11.26 26.79
N ALA B 34 21.57 12.03 25.75
CA ALA B 34 21.80 11.48 24.42
C ALA B 34 23.14 10.75 24.37
N PRO B 35 23.25 9.73 23.50
CA PRO B 35 24.52 9.02 23.35
C PRO B 35 25.54 9.84 22.57
N ASN B 36 26.81 9.62 22.85
CA ASN B 36 27.89 10.29 22.12
C ASN B 36 28.42 9.41 21.00
N VAL B 37 28.55 9.96 19.81
CA VAL B 37 29.06 9.21 18.67
C VAL B 37 30.57 9.11 18.73
N LEU B 38 31.07 7.89 18.91
CA LEU B 38 32.51 7.65 19.00
C LEU B 38 33.13 7.42 17.63
N ALA B 39 32.32 6.91 16.70
CA ALA B 39 32.78 6.63 15.35
C ALA B 39 31.59 6.56 14.38
N ASN B 40 31.73 7.22 13.24
CA ASN B 40 30.70 7.14 12.21
C ASN B 40 31.34 7.02 10.82
N LEU B 41 31.24 5.82 10.25
CA LEU B 41 31.88 5.54 8.97
C LEU B 41 30.86 5.19 7.89
N LYS B 42 31.05 5.76 6.71
CA LYS B 42 30.16 5.50 5.59
C LYS B 42 30.97 5.29 4.30
N ASP B 43 31.16 4.04 3.93
CA ASP B 43 31.90 3.70 2.73
C ASP B 43 30.95 3.59 1.53
N THR B 44 30.86 4.66 0.76
CA THR B 44 29.91 4.73 -0.34
C THR B 44 30.35 3.93 -1.56
N LEU B 45 29.40 3.61 -2.43
CA LEU B 45 29.68 2.87 -3.66
C LEU B 45 29.83 3.81 -4.84
N LYS B 57 26.07 -6.31 -7.40
CA LYS B 57 27.18 -5.39 -7.25
C LYS B 57 27.22 -4.79 -5.84
N ALA B 58 26.07 -4.38 -5.34
CA ALA B 58 25.98 -3.75 -4.02
C ALA B 58 26.31 -4.74 -2.90
N HIS B 59 25.86 -5.98 -3.05
CA HIS B 59 26.11 -7.00 -2.05
C HIS B 59 27.59 -7.36 -1.97
N ILE B 60 28.30 -7.21 -3.08
CA ILE B 60 29.75 -7.42 -3.11
C ILE B 60 30.47 -6.28 -2.39
N HIS B 61 29.97 -5.06 -2.60
CA HIS B 61 30.53 -3.87 -1.96
C HIS B 61 30.52 -3.99 -0.44
N HIS B 62 29.34 -4.32 0.12
CA HIS B 62 29.20 -4.50 1.55
C HIS B 62 30.07 -5.65 2.06
N GLN B 63 30.20 -6.68 1.22
CA GLN B 63 30.93 -7.89 1.59
C GLN B 63 32.42 -7.62 1.78
N ALA B 64 32.96 -6.72 0.98
CA ALA B 64 34.39 -6.44 0.99
C ALA B 64 34.73 -5.22 1.84
N ARG B 65 33.72 -4.58 2.42
CA ARG B 65 33.94 -3.33 3.14
C ARG B 65 33.50 -3.38 4.60
N ILE B 66 32.52 -4.22 4.91
CA ILE B 66 31.99 -4.29 6.28
C ILE B 66 33.08 -4.71 7.27
N GLY B 67 34.05 -5.50 6.80
CA GLY B 67 35.14 -5.96 7.64
C GLY B 67 36.05 -4.85 8.10
N PRO B 68 36.85 -4.30 7.18
CA PRO B 68 37.79 -3.21 7.49
C PRO B 68 37.11 -1.97 8.07
N LEU B 69 35.83 -1.78 7.80
CA LEU B 69 35.12 -0.61 8.28
C LEU B 69 34.90 -0.69 9.80
N THR B 70 34.29 -1.77 10.26
CA THR B 70 34.06 -1.97 11.69
C THR B 70 35.39 -2.00 12.44
N GLU B 71 36.40 -2.58 11.80
CA GLU B 71 37.75 -2.64 12.38
C GLU B 71 38.27 -1.23 12.61
N ARG B 72 38.09 -0.36 11.62
CA ARG B 72 38.48 1.03 11.74
C ARG B 72 37.61 1.76 12.75
N ALA B 73 36.32 1.44 12.74
CA ALA B 73 35.37 2.03 13.68
C ALA B 73 35.75 1.68 15.11
N LEU B 74 36.19 0.44 15.32
CA LEU B 74 36.60 -0.02 16.63
C LEU B 74 37.91 0.63 17.06
N ILE B 75 38.81 0.83 16.11
CA ILE B 75 40.10 1.46 16.38
C ILE B 75 39.93 2.92 16.79
N GLU B 76 39.15 3.67 16.01
CA GLU B 76 38.92 5.08 16.27
C GLU B 76 38.20 5.30 17.59
N SER B 77 37.24 4.44 17.89
CA SER B 77 36.47 4.55 19.13
C SER B 77 37.23 3.93 20.31
N ASN B 78 38.21 3.10 20.00
CA ASN B 78 38.98 2.37 21.00
C ASN B 78 38.08 1.57 21.93
N ALA B 79 37.10 0.88 21.35
CA ALA B 79 36.12 0.13 22.13
C ALA B 79 35.90 -1.27 21.56
N ARG B 80 36.99 -1.94 21.19
CA ARG B 80 36.90 -3.30 20.66
C ARG B 80 36.55 -4.29 21.78
N GLU B 81 36.83 -3.89 23.01
CA GLU B 81 36.63 -4.76 24.16
C GLU B 81 35.50 -4.28 25.06
N GLY B 82 34.71 -3.32 24.58
CA GLY B 82 33.68 -2.71 25.40
C GLY B 82 32.35 -2.43 24.72
N ILE B 83 31.99 -3.25 23.74
CA ILE B 83 30.69 -3.15 23.10
C ILE B 83 29.67 -3.99 23.87
N ASP B 84 28.52 -3.39 24.17
CA ASP B 84 27.50 -4.06 24.97
C ASP B 84 26.27 -4.49 24.15
N LEU B 85 26.07 -3.83 23.01
CA LEU B 85 24.93 -4.14 22.15
C LEU B 85 25.26 -3.97 20.67
N ILE B 86 24.81 -4.93 19.86
CA ILE B 86 24.99 -4.85 18.41
C ILE B 86 23.65 -4.66 17.70
N CYS B 87 23.54 -3.55 16.97
CA CYS B 87 22.34 -3.26 16.20
C CYS B 87 22.65 -3.34 14.70
N VAL B 88 21.73 -3.91 13.93
CA VAL B 88 21.92 -4.04 12.50
C VAL B 88 20.57 -4.10 11.78
N THR B 89 20.48 -3.43 10.63
CA THR B 89 19.22 -3.42 9.89
C THR B 89 18.92 -4.78 9.29
N ARG B 90 17.73 -5.30 9.59
CA ARG B 90 17.32 -6.62 9.15
C ARG B 90 16.52 -6.53 7.86
N GLY B 91 15.88 -5.38 7.65
CA GLY B 91 15.07 -5.15 6.46
C GLY B 91 14.33 -3.83 6.56
N PRO B 92 13.65 -3.43 5.48
CA PRO B 92 13.61 -4.16 4.20
C PRO B 92 14.80 -3.82 3.31
N GLY B 93 14.89 -4.47 2.15
CA GLY B 93 15.97 -4.23 1.21
C GLY B 93 16.38 -5.49 0.49
N MET B 94 17.44 -5.41 -0.31
CA MET B 94 17.95 -6.58 -1.02
C MET B 94 18.55 -7.59 -0.04
N PRO B 95 18.11 -8.85 -0.12
CA PRO B 95 18.54 -9.92 0.79
C PRO B 95 20.05 -10.12 0.81
N GLY B 96 20.70 -9.93 -0.34
CA GLY B 96 22.13 -10.09 -0.45
C GLY B 96 22.89 -8.99 0.30
N SER B 97 22.41 -7.76 0.15
CA SER B 97 23.04 -6.62 0.80
C SER B 97 22.79 -6.64 2.32
N LEU B 98 21.59 -7.04 2.71
CA LEU B 98 21.22 -7.11 4.11
C LEU B 98 22.03 -8.17 4.86
N SER B 99 22.13 -9.36 4.26
CA SER B 99 22.82 -10.48 4.90
C SER B 99 24.31 -10.21 5.08
N GLY B 100 24.85 -9.32 4.26
CA GLY B 100 26.26 -8.95 4.36
C GLY B 100 26.60 -8.39 5.72
N GLY B 101 25.78 -7.46 6.19
CA GLY B 101 25.98 -6.86 7.50
C GLY B 101 25.36 -7.71 8.61
N LEU B 102 24.29 -8.40 8.29
CA LEU B 102 23.57 -9.20 9.28
C LEU B 102 24.38 -10.39 9.75
N ASP B 103 24.93 -11.15 8.80
CA ASP B 103 25.76 -12.31 9.15
C ASP B 103 27.02 -11.86 9.88
N PHE B 104 27.57 -10.74 9.45
CA PHE B 104 28.74 -10.16 10.10
C PHE B 104 28.41 -9.74 11.53
N ALA B 105 27.25 -9.11 11.71
CA ALA B 105 26.81 -8.66 13.01
C ALA B 105 26.65 -9.84 13.98
N LYS B 106 26.19 -10.96 13.44
CA LYS B 106 26.08 -12.19 14.23
C LYS B 106 27.45 -12.63 14.74
N GLY B 107 28.45 -12.51 13.87
CA GLY B 107 29.81 -12.86 14.22
C GLY B 107 30.33 -12.04 15.38
N LEU B 108 29.99 -10.76 15.39
CA LEU B 108 30.36 -9.88 16.50
C LEU B 108 29.63 -10.28 17.77
N ALA B 109 28.34 -10.53 17.64
CA ALA B 109 27.50 -10.87 18.79
C ALA B 109 27.97 -12.16 19.46
N VAL B 110 28.24 -13.18 18.65
CA VAL B 110 28.68 -14.47 19.18
C VAL B 110 30.06 -14.37 19.82
N ALA B 111 30.99 -13.71 19.13
CA ALA B 111 32.36 -13.57 19.62
C ALA B 111 32.42 -12.80 20.93
N TRP B 112 31.54 -11.81 21.08
CA TRP B 112 31.50 -10.98 22.28
C TRP B 112 30.52 -11.50 23.31
N ASN B 113 29.71 -12.48 22.92
CA ASN B 113 28.61 -12.99 23.75
C ASN B 113 27.68 -11.84 24.15
N LYS B 114 27.39 -10.98 23.19
CA LYS B 114 26.55 -9.80 23.42
C LYS B 114 25.26 -9.89 22.60
N PRO B 115 24.18 -9.27 23.10
CA PRO B 115 22.88 -9.34 22.43
C PRO B 115 22.85 -8.66 21.06
N LEU B 116 21.98 -9.16 20.19
CA LEU B 116 21.83 -8.63 18.84
C LEU B 116 20.40 -8.12 18.61
N ILE B 117 20.28 -6.99 17.92
CA ILE B 117 18.97 -6.46 17.57
C ILE B 117 18.86 -6.22 16.06
N GLY B 118 17.87 -6.87 15.45
CA GLY B 118 17.60 -6.67 14.03
C GLY B 118 16.60 -5.55 13.82
N VAL B 119 17.10 -4.43 13.31
CA VAL B 119 16.30 -3.20 13.23
C VAL B 119 15.64 -2.99 11.87
N HIS B 120 14.39 -2.52 11.89
CA HIS B 120 13.72 -2.11 10.67
C HIS B 120 14.40 -0.85 10.15
N HIS B 121 14.77 -0.84 8.87
CA HIS B 121 15.51 0.28 8.30
C HIS B 121 14.72 1.59 8.40
N MET B 122 13.44 1.52 8.07
CA MET B 122 12.59 2.71 8.07
C MET B 122 12.39 3.23 9.49
N LEU B 123 12.51 2.33 10.47
CA LEU B 123 12.38 2.71 11.87
C LEU B 123 13.49 3.68 12.27
N GLY B 124 14.68 3.45 11.74
CA GLY B 124 15.82 4.31 12.01
C GLY B 124 15.57 5.74 11.56
N HIS B 125 14.98 5.88 10.38
CA HIS B 125 14.66 7.19 9.83
C HIS B 125 13.66 7.93 10.69
N LEU B 126 12.73 7.18 11.28
CA LEU B 126 11.66 7.77 12.08
C LEU B 126 12.14 8.24 13.45
N LEU B 127 13.02 7.45 14.06
CA LEU B 127 13.40 7.66 15.45
C LEU B 127 14.62 8.54 15.64
N ILE B 128 15.33 8.82 14.56
CA ILE B 128 16.59 9.57 14.65
C ILE B 128 16.43 11.05 15.09
N PRO B 129 15.28 11.70 14.85
CA PRO B 129 15.27 13.06 15.43
C PRO B 129 15.03 13.08 16.93
N ARG B 130 14.78 11.91 17.52
CA ARG B 130 14.55 11.82 18.96
C ARG B 130 15.85 11.57 19.72
N MET B 131 16.88 11.19 18.99
CA MET B 131 18.18 10.87 19.60
C MET B 131 18.76 12.05 20.35
N GLY B 132 18.63 13.24 19.78
CA GLY B 132 19.21 14.43 20.38
C GLY B 132 18.55 14.88 21.67
N THR B 133 17.40 14.30 21.99
CA THR B 133 16.64 14.71 23.18
C THR B 133 16.38 13.55 24.13
N ASN B 134 16.53 12.33 23.62
CA ASN B 134 16.50 11.11 24.44
C ASN B 134 15.29 10.89 25.34
N GLY B 135 14.08 10.74 24.78
CA GLY B 135 13.75 11.07 23.41
C GLY B 135 12.56 12.00 23.53
N LYS B 136 12.77 13.10 24.24
CA LYS B 136 11.71 14.01 24.66
C LYS B 136 10.89 14.59 23.51
N VAL B 137 11.55 14.91 22.41
CA VAL B 137 10.87 15.53 21.27
C VAL B 137 11.47 15.06 19.95
N PRO B 138 10.62 14.64 19.00
CA PRO B 138 9.16 14.60 19.14
C PRO B 138 8.66 13.39 19.92
N GLN B 139 7.65 13.60 20.76
CA GLN B 139 7.06 12.51 21.53
C GLN B 139 5.81 11.97 20.83
N PHE B 140 5.51 10.70 21.08
CA PHE B 140 4.36 10.05 20.48
C PHE B 140 3.06 10.65 20.99
N PRO B 141 2.05 10.77 20.11
CA PRO B 141 2.15 10.39 18.69
C PRO B 141 2.66 11.53 17.83
N PHE B 142 3.50 11.21 16.84
CA PHE B 142 3.96 12.21 15.89
C PHE B 142 3.92 11.67 14.47
N VAL B 143 3.84 12.59 13.51
CA VAL B 143 3.79 12.22 12.10
C VAL B 143 5.13 12.55 11.44
N SER B 144 5.53 11.71 10.49
CA SER B 144 6.84 11.86 9.85
C SER B 144 6.81 11.58 8.35
N LEU B 145 7.31 12.53 7.56
CA LEU B 145 7.39 12.37 6.11
C LEU B 145 8.82 12.08 5.67
N LEU B 146 9.03 10.87 5.17
CA LEU B 146 10.36 10.45 4.74
C LEU B 146 10.54 10.63 3.24
N VAL B 147 11.43 11.55 2.85
CA VAL B 147 11.69 11.83 1.45
C VAL B 147 13.16 11.63 1.10
N SER B 148 13.51 10.41 0.71
CA SER B 148 14.88 10.10 0.34
C SER B 148 14.96 9.63 -1.11
N GLY B 149 16.13 9.11 -1.49
CA GLY B 149 16.33 8.61 -2.84
C GLY B 149 15.78 7.20 -3.02
N GLY B 150 15.38 6.57 -1.92
CA GLY B 150 14.84 5.23 -1.97
C GLY B 150 13.52 5.10 -1.24
N HIS B 151 13.18 6.13 -0.46
CA HIS B 151 11.94 6.12 0.30
C HIS B 151 11.15 7.41 0.09
N THR B 152 9.84 7.26 -0.11
CA THR B 152 8.92 8.38 -0.10
C THR B 152 7.63 7.92 0.59
N THR B 153 7.61 8.07 1.91
CA THR B 153 6.55 7.51 2.72
C THR B 153 6.03 8.49 3.76
N PHE B 154 4.73 8.41 4.05
CA PHE B 154 4.13 9.22 5.09
C PHE B 154 3.69 8.30 6.24
N VAL B 155 4.35 8.46 7.38
CA VAL B 155 4.17 7.51 8.48
C VAL B 155 3.62 8.15 9.75
N LEU B 156 2.59 7.51 10.33
CA LEU B 156 2.09 7.90 11.64
C LEU B 156 2.68 6.99 12.71
N SER B 157 3.29 7.60 13.73
CA SER B 157 3.94 6.83 14.79
C SER B 157 3.20 6.99 16.11
N ARG B 158 2.39 6.00 16.47
CA ARG B 158 1.64 6.02 17.71
C ARG B 158 2.53 5.67 18.90
N ALA B 159 3.47 4.75 18.69
CA ALA B 159 4.42 4.35 19.73
C ALA B 159 5.67 3.77 19.11
N ILE B 160 6.59 3.30 19.96
CA ILE B 160 7.81 2.68 19.47
C ILE B 160 7.50 1.35 18.79
N ASP B 161 6.50 0.65 19.29
CA ASP B 161 6.12 -0.65 18.75
C ASP B 161 4.84 -0.57 17.91
N ASP B 162 4.46 0.63 17.51
CA ASP B 162 3.23 0.81 16.73
C ASP B 162 3.37 1.95 15.73
N HIS B 163 3.61 1.60 14.47
CA HIS B 163 3.73 2.58 13.40
C HIS B 163 2.83 2.21 12.23
N GLU B 164 2.24 3.20 11.59
CA GLU B 164 1.35 2.96 10.46
C GLU B 164 1.73 3.79 9.25
N ILE B 165 1.86 3.11 8.11
CA ILE B 165 2.13 3.78 6.85
C ILE B 165 0.85 4.38 6.28
N LEU B 166 0.85 5.69 6.10
CA LEU B 166 -0.33 6.39 5.61
C LEU B 166 -0.33 6.56 4.10
N CYS B 167 0.80 7.02 3.56
CA CYS B 167 0.94 7.20 2.12
C CYS B 167 2.34 6.78 1.68
N ASP B 168 2.41 6.02 0.59
CA ASP B 168 3.68 5.49 0.11
C ASP B 168 3.69 5.38 -1.42
N THR B 169 4.86 5.55 -2.01
CA THR B 169 5.00 5.52 -3.47
C THR B 169 4.73 4.13 -4.05
N ILE B 170 4.41 4.10 -5.34
CA ILE B 170 4.11 2.84 -6.02
C ILE B 170 5.15 2.53 -7.10
N ASP B 171 5.89 3.55 -7.51
CA ASP B 171 6.92 3.38 -8.52
C ASP B 171 8.31 3.69 -7.97
N ILE B 172 8.72 4.95 -8.06
CA ILE B 172 10.01 5.37 -7.56
C ILE B 172 9.87 6.46 -6.51
N ALA B 173 10.99 6.97 -6.00
CA ALA B 173 10.99 8.00 -4.98
C ALA B 173 11.19 9.39 -5.59
N VAL B 174 11.04 10.42 -4.77
CA VAL B 174 11.24 11.79 -5.21
C VAL B 174 12.69 12.02 -5.64
N GLY B 175 13.62 11.61 -4.79
CA GLY B 175 15.03 11.77 -5.08
C GLY B 175 15.44 11.08 -6.36
N ASP B 176 14.88 9.90 -6.60
CA ASP B 176 15.17 9.16 -7.82
C ASP B 176 14.56 9.86 -9.03
N SER B 177 13.43 10.53 -8.80
CA SER B 177 12.73 11.24 -9.86
C SER B 177 13.39 12.58 -10.18
N LEU B 178 13.70 13.35 -9.15
CA LEU B 178 14.36 14.64 -9.33
C LEU B 178 15.73 14.49 -9.98
N ASP B 179 16.45 13.43 -9.61
CA ASP B 179 17.80 13.20 -10.12
C ASP B 179 17.80 12.90 -11.62
N LYS B 180 16.90 12.02 -12.06
CA LYS B 180 16.81 11.66 -13.47
C LYS B 180 16.31 12.84 -14.31
N CYS B 181 15.39 13.62 -13.75
CA CYS B 181 14.97 14.87 -14.36
C CYS B 181 16.16 15.81 -14.44
N GLY B 182 16.91 15.88 -13.35
CA GLY B 182 18.09 16.71 -13.27
C GLY B 182 19.20 16.24 -14.20
N ARG B 183 19.19 14.95 -14.51
CA ARG B 183 20.18 14.38 -15.42
C ARG B 183 19.75 14.61 -16.87
N GLU B 184 18.46 14.86 -17.06
CA GLU B 184 17.90 15.15 -18.37
C GLU B 184 18.14 16.61 -18.74
N LEU B 185 18.22 17.46 -17.71
CA LEU B 185 18.32 18.90 -17.87
C LEU B 185 19.60 19.49 -18.55
N GLY B 186 20.79 18.93 -18.34
CA GLY B 186 21.10 17.85 -17.44
C GLY B 186 22.26 18.19 -16.53
N PHE B 187 22.22 17.67 -15.31
CA PHE B 187 23.25 17.96 -14.32
C PHE B 187 24.20 16.79 -14.10
N LYS B 188 25.07 16.92 -13.11
CA LYS B 188 26.01 15.87 -12.76
C LYS B 188 26.38 15.96 -11.28
N GLY B 189 27.16 15.01 -10.80
CA GLY B 189 27.58 14.99 -9.41
C GLY B 189 26.81 14.01 -8.57
N THR B 190 27.22 13.84 -7.32
CA THR B 190 26.60 12.91 -6.40
C THR B 190 25.13 13.22 -6.16
N MET B 191 24.85 14.38 -5.57
CA MET B 191 23.48 14.79 -5.32
C MET B 191 23.00 15.76 -6.40
N ILE B 192 22.44 15.22 -7.46
CA ILE B 192 22.00 16.01 -8.61
C ILE B 192 20.86 16.95 -8.26
N ALA B 193 19.87 16.45 -7.54
CA ALA B 193 18.72 17.26 -7.15
C ALA B 193 19.13 18.41 -6.24
N ARG B 194 20.20 18.21 -5.47
CA ARG B 194 20.76 19.27 -4.64
C ARG B 194 21.46 20.31 -5.51
N GLU B 195 22.02 19.84 -6.63
CA GLU B 195 22.66 20.73 -7.58
C GLU B 195 21.63 21.47 -8.41
N MET B 196 20.49 20.83 -8.65
CA MET B 196 19.38 21.47 -9.35
C MET B 196 18.74 22.51 -8.44
N GLU B 197 18.82 22.27 -7.13
CA GLU B 197 18.36 23.24 -6.15
C GLU B 197 19.48 24.19 -5.77
N LYS B 198 20.27 24.59 -6.77
CA LYS B 198 21.34 25.55 -6.59
C LYS B 198 21.26 26.62 -7.66
N PHE B 199 21.16 26.19 -8.91
CA PHE B 199 21.02 27.10 -10.05
C PHE B 199 19.66 27.78 -10.02
N ILE B 200 18.75 27.23 -9.23
CA ILE B 200 17.41 27.79 -9.06
C ILE B 200 17.41 28.73 -7.83
N ASN B 201 18.60 29.20 -7.45
CA ASN B 201 18.71 30.07 -6.29
C ASN B 201 19.71 31.21 -6.48
N GLN B 202 19.96 31.59 -7.73
CA GLN B 202 20.82 32.74 -8.03
C GLN B 202 20.04 33.87 -8.67
N ASP B 203 20.00 33.87 -10.00
CA ASP B 203 19.28 34.89 -10.75
C ASP B 203 17.83 34.51 -10.95
N ILE B 204 17.20 33.99 -9.89
CA ILE B 204 15.81 33.57 -9.94
C ILE B 204 14.87 34.74 -10.21
N ASN B 205 15.24 35.91 -9.72
CA ASN B 205 14.45 37.12 -9.97
C ASN B 205 14.79 37.74 -11.32
N ASP B 206 15.99 37.44 -11.80
CA ASP B 206 16.44 37.93 -13.10
C ASP B 206 16.00 36.99 -14.21
N GLN B 207 16.21 35.69 -14.00
CA GLN B 207 15.78 34.68 -14.97
C GLN B 207 14.38 34.18 -14.64
N ASP B 208 13.48 34.24 -15.62
CA ASP B 208 12.09 33.87 -15.38
C ASP B 208 11.41 33.25 -16.60
N PHE B 209 10.09 33.36 -16.62
CA PHE B 209 9.26 32.70 -17.64
C PHE B 209 7.86 33.32 -17.63
N ALA B 210 7.20 33.55 -18.77
CA ALA B 210 7.62 33.32 -20.17
C ALA B 210 7.88 31.85 -20.53
N LEU B 211 7.22 30.94 -19.82
CA LEU B 211 7.28 29.51 -20.09
C LEU B 211 6.41 28.74 -19.09
N LYS B 212 5.75 27.69 -19.56
CA LYS B 212 4.94 26.84 -18.69
C LYS B 212 4.80 25.44 -19.28
N LEU B 213 4.56 24.46 -18.42
CA LEU B 213 4.43 23.07 -18.84
C LEU B 213 3.40 22.32 -18.01
N GLU B 214 2.83 21.26 -18.59
CA GLU B 214 1.78 20.50 -17.93
C GLU B 214 2.34 19.30 -17.15
N MET B 215 2.03 19.26 -15.85
CA MET B 215 2.49 18.18 -14.99
C MET B 215 1.32 17.58 -14.20
N PRO B 216 1.40 16.28 -13.89
CA PRO B 216 0.37 15.59 -13.10
C PRO B 216 0.18 16.22 -11.72
N SER B 224 -11.22 1.83 -8.80
CA SER B 224 -10.08 2.68 -9.17
C SER B 224 -8.80 2.18 -8.52
N LYS B 225 -8.83 0.96 -8.01
CA LYS B 225 -7.70 0.34 -7.32
C LYS B 225 -7.20 1.21 -6.17
N ARG B 226 -8.13 1.85 -5.47
CA ARG B 226 -7.79 2.79 -4.42
C ARG B 226 -8.07 2.23 -3.02
N ASN B 227 -7.29 1.23 -2.62
CA ASN B 227 -7.41 0.68 -1.27
C ASN B 227 -6.48 1.41 -0.31
N MET B 228 -5.62 2.26 -0.86
CA MET B 228 -4.72 3.09 -0.09
C MET B 228 -4.12 4.18 -0.98
N LEU B 229 -4.06 5.40 -0.45
CA LEU B 229 -3.48 6.52 -1.19
C LEU B 229 -1.99 6.32 -1.40
N SER B 230 -1.46 6.85 -2.49
CA SER B 230 -0.09 6.59 -2.87
C SER B 230 0.58 7.78 -3.56
N PHE B 231 1.91 7.76 -3.56
CA PHE B 231 2.69 8.72 -4.33
C PHE B 231 3.08 8.10 -5.67
N SER B 232 3.38 8.96 -6.65
CA SER B 232 3.80 8.49 -7.97
C SER B 232 4.66 9.55 -8.66
N PHE B 233 5.82 9.14 -9.17
CA PHE B 233 6.77 10.09 -9.73
C PHE B 233 7.39 9.63 -11.06
N SER B 234 7.07 8.41 -11.47
CA SER B 234 7.66 7.85 -12.69
C SER B 234 7.12 8.51 -13.95
N ALA B 235 6.11 9.35 -13.79
CA ALA B 235 5.47 10.01 -14.93
C ALA B 235 5.99 11.43 -15.12
N PHE B 236 6.81 11.91 -14.20
CA PHE B 236 7.35 13.26 -14.29
C PHE B 236 8.46 13.38 -15.33
N ILE B 237 9.39 12.43 -15.33
CA ILE B 237 10.47 12.42 -16.30
C ILE B 237 9.91 12.18 -17.70
N THR B 238 8.80 11.45 -17.78
CA THR B 238 8.13 11.21 -19.05
C THR B 238 7.44 12.49 -19.52
N ALA B 239 6.82 13.20 -18.58
CA ALA B 239 6.18 14.48 -18.87
C ALA B 239 7.24 15.53 -19.18
N LEU B 240 8.43 15.35 -18.63
CA LEU B 240 9.55 16.25 -18.92
C LEU B 240 10.01 16.07 -20.35
N ARG B 241 10.35 14.82 -20.71
CA ARG B 241 10.79 14.49 -22.06
C ARG B 241 9.75 14.87 -23.10
N THR B 242 8.48 14.74 -22.74
CA THR B 242 7.38 15.09 -23.65
C THR B 242 7.39 16.57 -23.98
N ASN B 243 7.42 17.41 -22.96
CA ASN B 243 7.46 18.86 -23.15
C ASN B 243 8.80 19.29 -23.75
N LEU B 244 9.81 18.45 -23.58
CA LEU B 244 11.10 18.67 -24.21
C LEU B 244 10.98 18.41 -25.70
N THR B 245 10.30 17.32 -26.04
CA THR B 245 10.12 16.93 -27.43
C THR B 245 9.12 17.87 -28.09
N LYS B 246 8.21 18.43 -27.28
CA LYS B 246 7.22 19.39 -27.76
C LYS B 246 7.86 20.68 -28.31
N LEU B 247 8.91 21.17 -27.64
CA LEU B 247 9.59 22.39 -28.05
C LEU B 247 11.04 22.44 -27.57
N GLY B 248 11.93 22.92 -28.44
CA GLY B 248 13.33 23.16 -28.10
C GLY B 248 14.04 21.93 -27.56
N LYS B 249 14.66 22.09 -26.39
CA LYS B 249 15.32 21.01 -25.65
C LYS B 249 16.57 20.44 -26.31
N THR B 250 16.71 20.59 -27.63
CA THR B 250 17.82 20.00 -28.36
C THR B 250 18.70 21.06 -29.00
N GLU B 251 19.83 21.36 -28.35
CA GLU B 251 20.19 20.75 -27.09
C GLU B 251 19.91 21.72 -25.94
N ILE B 252 20.06 21.25 -24.72
CA ILE B 252 19.81 22.09 -23.54
C ILE B 252 20.87 23.18 -23.41
N GLN B 253 21.97 23.02 -24.13
CA GLN B 253 23.00 24.04 -24.18
C GLN B 253 22.53 25.21 -25.03
N GLU B 254 21.65 24.93 -25.99
CA GLU B 254 21.08 25.96 -26.84
C GLU B 254 20.08 26.81 -26.06
N LEU B 255 19.58 26.25 -24.96
CA LEU B 255 18.71 26.99 -24.05
C LEU B 255 19.55 27.79 -23.06
N PRO B 256 19.41 29.13 -23.09
CA PRO B 256 20.20 30.03 -22.23
C PRO B 256 19.95 29.80 -20.75
N GLU B 257 20.80 30.39 -19.90
CA GLU B 257 20.70 30.23 -18.46
C GLU B 257 19.41 30.84 -17.91
N ARG B 258 18.85 31.78 -18.67
CA ARG B 258 17.62 32.44 -18.26
C ARG B 258 16.41 31.50 -18.33
N GLU B 259 16.55 30.43 -19.10
CA GLU B 259 15.46 29.50 -19.31
C GLU B 259 15.60 28.23 -18.46
N ILE B 260 16.84 27.90 -18.11
CA ILE B 260 17.10 26.70 -17.31
C ILE B 260 16.50 26.83 -15.92
N ARG B 261 16.53 28.04 -15.37
CA ARG B 261 15.93 28.30 -14.07
C ARG B 261 14.42 28.11 -14.14
N SER B 262 13.83 28.52 -15.25
CA SER B 262 12.39 28.48 -15.46
C SER B 262 11.86 27.06 -15.40
N ILE B 263 12.42 26.20 -16.24
CA ILE B 263 12.00 24.81 -16.36
C ILE B 263 12.22 24.03 -15.06
N ALA B 264 13.36 24.26 -14.42
CA ALA B 264 13.72 23.54 -13.20
C ALA B 264 12.76 23.84 -12.04
N TYR B 265 12.34 25.10 -11.93
CA TYR B 265 11.48 25.53 -10.83
C TYR B 265 10.10 24.90 -10.90
N GLN B 266 9.60 24.72 -12.12
CA GLN B 266 8.28 24.15 -12.33
C GLN B 266 8.27 22.65 -12.13
N VAL B 267 9.40 22.01 -12.39
CA VAL B 267 9.55 20.57 -12.16
C VAL B 267 9.53 20.29 -10.66
N GLN B 268 10.30 21.06 -9.91
CA GLN B 268 10.38 20.89 -8.46
C GLN B 268 9.04 21.21 -7.80
N GLU B 269 8.38 22.24 -8.29
CA GLU B 269 7.11 22.69 -7.72
C GLU B 269 6.02 21.64 -7.87
N SER B 270 5.89 21.11 -9.08
CA SER B 270 4.86 20.12 -9.37
C SER B 270 5.06 18.83 -8.58
N VAL B 271 6.32 18.43 -8.44
CA VAL B 271 6.67 17.25 -7.66
C VAL B 271 6.30 17.45 -6.20
N PHE B 272 6.68 18.60 -5.67
CA PHE B 272 6.35 18.95 -4.28
C PHE B 272 4.85 19.14 -4.12
N ASP B 273 4.19 19.70 -5.13
CA ASP B 273 2.75 19.86 -5.11
C ASP B 273 2.05 18.51 -5.00
N HIS B 274 2.57 17.53 -5.71
CA HIS B 274 2.03 16.18 -5.68
C HIS B 274 2.10 15.60 -4.28
N ILE B 275 3.18 15.91 -3.56
CA ILE B 275 3.34 15.46 -2.18
C ILE B 275 2.33 16.15 -1.28
N ILE B 276 2.35 17.48 -1.31
CA ILE B 276 1.42 18.30 -0.52
C ILE B 276 -0.03 17.90 -0.79
N ASN B 277 -0.35 17.65 -2.06
CA ASN B 277 -1.69 17.26 -2.46
C ASN B 277 -2.13 15.97 -1.78
N LYS B 278 -1.26 14.96 -1.80
CA LYS B 278 -1.56 13.70 -1.16
C LYS B 278 -1.53 13.83 0.37
N LEU B 279 -0.65 14.68 0.88
CA LEU B 279 -0.59 14.94 2.31
C LEU B 279 -1.89 15.55 2.80
N LYS B 280 -2.40 16.52 2.04
CA LYS B 280 -3.67 17.14 2.36
C LYS B 280 -4.80 16.11 2.33
N HIS B 281 -4.81 15.29 1.29
CA HIS B 281 -5.82 14.25 1.14
C HIS B 281 -5.84 13.26 2.32
N VAL B 282 -4.68 13.00 2.89
CA VAL B 282 -4.57 12.08 4.02
C VAL B 282 -5.10 12.69 5.31
N LEU B 283 -4.71 13.93 5.59
CA LEU B 283 -5.08 14.60 6.82
C LEU B 283 -6.58 14.93 6.86
N LYS B 284 -7.15 15.25 5.71
CA LYS B 284 -8.57 15.60 5.63
C LYS B 284 -9.47 14.39 5.89
N SER B 285 -9.06 13.24 5.36
CA SER B 285 -9.89 12.04 5.38
C SER B 285 -10.18 11.52 6.79
N GLN B 286 -9.18 11.54 7.65
CA GLN B 286 -9.34 10.97 8.99
C GLN B 286 -8.63 11.80 10.06
N PRO B 287 -9.27 12.89 10.51
CA PRO B 287 -8.71 13.81 11.50
C PRO B 287 -8.55 13.19 12.89
N GLU B 288 -9.33 12.16 13.20
CA GLU B 288 -9.26 11.51 14.50
C GLU B 288 -7.91 10.83 14.71
N LYS B 289 -7.25 10.49 13.60
CA LYS B 289 -5.90 9.94 13.66
C LYS B 289 -4.88 10.99 14.08
N PHE B 290 -5.19 12.25 13.82
CA PHE B 290 -4.22 13.32 13.99
C PHE B 290 -4.65 14.39 14.99
N LYS B 291 -5.64 14.04 15.83
CA LYS B 291 -6.14 14.99 16.81
C LYS B 291 -5.22 15.07 18.03
N ASN B 292 -4.18 14.25 18.04
CA ASN B 292 -3.29 14.18 19.19
C ASN B 292 -1.83 14.47 18.85
N VAL B 293 -1.52 14.51 17.56
CA VAL B 293 -0.16 14.84 17.13
C VAL B 293 -0.02 16.34 16.90
N ARG B 294 1.01 16.93 17.51
CA ARG B 294 1.26 18.36 17.38
C ARG B 294 2.65 18.63 16.81
N GLU B 295 3.21 17.64 16.12
CA GLU B 295 4.56 17.80 15.56
C GLU B 295 4.78 16.98 14.29
N PHE B 296 5.42 17.62 13.32
CA PHE B 296 5.68 17.04 12.00
C PHE B 296 7.19 16.79 11.83
N VAL B 297 7.53 15.64 11.26
CA VAL B 297 8.94 15.32 11.03
C VAL B 297 9.23 15.10 9.55
N CYS B 298 10.24 15.80 9.05
CA CYS B 298 10.65 15.64 7.66
C CYS B 298 12.14 15.30 7.58
N SER B 299 12.44 14.01 7.45
CA SER B 299 13.82 13.55 7.36
C SER B 299 14.08 12.88 6.01
N GLY B 300 15.28 13.10 5.49
CA GLY B 300 15.66 12.59 4.18
C GLY B 300 16.47 13.63 3.43
N GLY B 301 17.12 13.22 2.36
CA GLY B 301 17.96 14.12 1.59
C GLY B 301 17.19 15.27 0.98
N VAL B 302 15.94 15.00 0.60
CA VAL B 302 15.09 16.01 -0.03
C VAL B 302 14.53 16.97 1.02
N SER B 303 14.60 16.58 2.29
CA SER B 303 14.11 17.41 3.38
C SER B 303 14.93 18.68 3.54
N SER B 304 16.18 18.64 3.07
CA SER B 304 17.07 19.79 3.18
C SER B 304 16.71 20.86 2.14
N ASN B 305 15.83 20.52 1.22
CA ASN B 305 15.35 21.48 0.23
C ASN B 305 14.50 22.55 0.90
N GLN B 306 14.98 23.78 0.86
CA GLN B 306 14.29 24.89 1.52
C GLN B 306 12.93 25.18 0.89
N ARG B 307 12.83 24.94 -0.43
CA ARG B 307 11.57 25.15 -1.13
C ARG B 307 10.52 24.15 -0.65
N LEU B 308 10.95 22.92 -0.40
CA LEU B 308 10.05 21.89 0.12
C LEU B 308 9.61 22.24 1.53
N ARG B 309 10.54 22.74 2.34
CA ARG B 309 10.24 23.13 3.72
C ARG B 309 9.24 24.28 3.77
N THR B 310 9.35 25.19 2.81
CA THR B 310 8.47 26.35 2.75
C THR B 310 7.03 25.93 2.44
N LYS B 311 6.87 25.01 1.49
CA LYS B 311 5.54 24.56 1.07
C LYS B 311 4.85 23.75 2.16
N LEU B 312 5.62 22.92 2.86
CA LEU B 312 5.08 22.09 3.94
C LEU B 312 4.52 22.93 5.07
N GLU B 313 5.20 24.03 5.38
CA GLU B 313 4.82 24.88 6.50
C GLU B 313 3.76 25.91 6.12
N THR B 314 3.58 26.11 4.82
CA THR B 314 2.64 27.11 4.32
C THR B 314 1.30 26.50 3.91
N GLU B 315 1.36 25.47 3.06
CA GLU B 315 0.17 24.88 2.49
C GLU B 315 -0.45 23.81 3.40
N LEU B 316 -0.12 23.87 4.69
CA LEU B 316 -0.72 22.97 5.67
C LEU B 316 -1.34 23.76 6.82
N PHE B 325 1.17 22.96 13.84
CA PHE B 325 2.08 21.89 13.45
C PHE B 325 3.54 22.29 13.57
N ASN B 326 4.27 21.60 14.44
CA ASN B 326 5.70 21.84 14.60
C ASN B 326 6.51 20.97 13.64
N PHE B 327 7.30 21.62 12.78
CA PHE B 327 8.07 20.90 11.76
C PHE B 327 9.52 20.71 12.19
N TYR B 328 9.99 19.48 12.07
CA TYR B 328 11.36 19.14 12.46
C TYR B 328 12.16 18.64 11.27
N TYR B 329 13.37 19.18 11.13
CA TYR B 329 14.27 18.77 10.05
C TYR B 329 15.63 18.39 10.59
N PRO B 330 15.92 17.09 10.68
CA PRO B 330 17.24 16.61 11.09
C PRO B 330 18.34 17.13 10.16
N PRO B 331 19.59 17.16 10.62
CA PRO B 331 20.70 17.57 9.75
C PRO B 331 20.82 16.64 8.55
N MET B 332 21.17 17.18 7.39
CA MET B 332 21.23 16.41 6.16
C MET B 332 22.21 15.25 6.25
N ASP B 333 23.21 15.39 7.11
CA ASP B 333 24.18 14.31 7.35
C ASP B 333 23.57 13.18 8.16
N LEU B 334 22.45 13.47 8.83
CA LEU B 334 21.71 12.45 9.56
C LEU B 334 20.47 12.03 8.79
N CYS B 335 20.14 12.80 7.76
CA CYS B 335 18.98 12.51 6.92
C CYS B 335 19.27 11.34 5.98
N SER B 336 20.46 11.34 5.40
CA SER B 336 20.87 10.26 4.50
C SER B 336 21.00 8.96 5.26
N ASP B 337 21.07 7.85 4.52
CA ASP B 337 21.24 6.54 5.13
C ASP B 337 22.54 6.48 5.92
N ASN B 338 22.43 6.19 7.21
CA ASN B 338 23.59 6.08 8.07
C ASN B 338 23.41 4.98 9.11
N SER B 339 24.49 4.64 9.80
CA SER B 339 24.46 3.59 10.80
C SER B 339 23.98 4.11 12.15
N ILE B 340 24.02 5.43 12.33
CA ILE B 340 23.65 6.05 13.59
C ILE B 340 22.15 5.89 13.89
N MET B 341 21.32 6.04 12.87
CA MET B 341 19.88 5.91 13.05
C MET B 341 19.49 4.49 13.47
N ILE B 342 20.27 3.51 13.05
CA ILE B 342 20.04 2.12 13.41
C ILE B 342 20.40 1.89 14.88
N GLY B 343 21.51 2.48 15.29
CA GLY B 343 21.97 2.37 16.66
C GLY B 343 20.98 2.93 17.64
N TRP B 344 20.45 4.12 17.34
CA TRP B 344 19.50 4.77 18.24
C TRP B 344 18.20 4.00 18.32
N ALA B 345 17.75 3.47 17.18
CA ALA B 345 16.50 2.70 17.15
C ALA B 345 16.63 1.46 18.03
N GLY B 346 17.79 0.82 17.99
CA GLY B 346 18.05 -0.34 18.82
C GLY B 346 18.08 0.01 20.29
N ILE B 347 18.54 1.22 20.60
CA ILE B 347 18.55 1.72 21.97
C ILE B 347 17.13 1.90 22.49
N GLU B 348 16.28 2.49 21.65
CA GLU B 348 14.88 2.69 22.01
C GLU B 348 14.16 1.35 22.21
N ILE B 349 14.46 0.38 21.36
CA ILE B 349 13.84 -0.94 21.45
C ILE B 349 14.26 -1.66 22.73
N TRP B 350 15.57 -1.70 22.97
CA TRP B 350 16.13 -2.47 24.08
C TRP B 350 15.71 -1.91 25.44
N GLU B 351 15.49 -0.60 25.50
CA GLU B 351 15.21 0.06 26.76
C GLU B 351 13.71 0.18 27.06
N SER B 352 12.90 0.33 26.01
CA SER B 352 11.47 0.53 26.18
C SER B 352 10.69 -0.78 26.08
N LEU B 353 11.11 -1.64 25.16
CA LEU B 353 10.40 -2.90 24.93
C LEU B 353 11.10 -4.06 25.64
N ARG B 354 12.36 -3.84 26.02
CA ARG B 354 13.19 -4.88 26.63
C ARG B 354 13.29 -6.10 25.73
N LEU B 355 13.30 -5.86 24.42
CA LEU B 355 13.33 -6.94 23.45
C LEU B 355 14.71 -7.13 22.83
N VAL B 356 14.95 -8.32 22.31
CA VAL B 356 16.23 -8.67 21.71
C VAL B 356 16.00 -9.71 20.61
N SER B 357 16.77 -9.60 19.52
CA SER B 357 16.63 -10.53 18.40
C SER B 357 17.33 -11.85 18.69
N ASP B 358 16.78 -12.94 18.16
CA ASP B 358 17.42 -14.24 18.26
C ASP B 358 18.59 -14.33 17.29
N LEU B 359 19.48 -15.29 17.52
CA LEU B 359 20.68 -15.44 16.72
C LEU B 359 20.42 -16.12 15.39
N ASP B 360 19.15 -16.47 15.14
CA ASP B 360 18.80 -17.22 13.93
C ASP B 360 18.04 -16.38 12.92
N ILE B 361 17.91 -15.09 13.18
CA ILE B 361 17.14 -14.20 12.31
C ILE B 361 17.77 -14.06 10.94
N CYS B 362 16.93 -13.89 9.93
CA CYS B 362 17.36 -13.76 8.55
C CYS B 362 16.85 -12.44 7.98
N PRO B 363 17.45 -11.97 6.86
CA PRO B 363 16.97 -10.74 6.25
C PRO B 363 15.52 -10.84 5.80
N ILE B 364 14.80 -9.72 5.88
CA ILE B 364 13.41 -9.68 5.43
C ILE B 364 13.28 -8.73 4.25
N ARG B 365 13.15 -9.28 3.05
CA ARG B 365 13.07 -8.49 1.83
C ARG B 365 11.92 -7.50 1.90
N GLN B 366 10.71 -8.00 2.08
CA GLN B 366 9.53 -7.16 2.20
C GLN B 366 9.03 -7.18 3.65
N TRP B 367 9.38 -6.14 4.40
CA TRP B 367 9.05 -6.06 5.81
C TRP B 367 8.16 -4.87 6.10
N PRO B 368 6.84 -5.10 6.18
CA PRO B 368 5.88 -4.06 6.57
C PRO B 368 6.19 -3.51 7.96
N LEU B 369 6.09 -2.19 8.12
CA LEU B 369 6.47 -1.54 9.37
C LEU B 369 5.51 -1.89 10.51
N ASN B 370 4.28 -2.25 10.17
CA ASN B 370 3.30 -2.65 11.18
C ASN B 370 3.55 -4.07 11.67
N ASP B 371 4.47 -4.77 11.01
CA ASP B 371 4.86 -6.11 11.41
C ASP B 371 6.22 -6.09 12.08
N LEU B 372 6.51 -5.00 12.77
CA LEU B 372 7.79 -4.82 13.45
C LEU B 372 8.06 -5.91 14.49
N LEU B 373 7.04 -6.26 15.26
CA LEU B 373 7.17 -7.28 16.29
C LEU B 373 6.31 -8.50 15.98
N SER B 374 5.56 -8.42 14.88
CA SER B 374 4.72 -9.53 14.46
C SER B 374 5.54 -10.66 13.88
N VAL B 375 6.77 -10.35 13.50
CA VAL B 375 7.64 -11.30 12.83
C VAL B 375 8.67 -11.89 13.81
N ASP B 376 9.05 -13.14 13.57
CA ASP B 376 10.12 -13.79 14.33
C ASP B 376 11.45 -13.16 13.94
N GLY B 377 12.45 -13.20 14.84
CA GLY B 377 12.31 -13.80 16.14
C GLY B 377 12.74 -12.86 17.25
N TRP B 378 11.76 -12.34 17.98
CA TRP B 378 12.02 -11.48 19.13
C TRP B 378 11.98 -12.29 20.41
N ARG B 379 12.74 -11.86 21.41
CA ARG B 379 12.69 -12.47 22.73
C ARG B 379 12.91 -11.42 23.80
N THR B 380 12.33 -11.64 24.97
CA THR B 380 12.52 -10.71 26.08
C THR B 380 13.93 -10.87 26.64
N ASP B 381 14.68 -9.77 26.64
CA ASP B 381 16.06 -9.81 27.09
C ASP B 381 16.16 -10.01 28.59
N GLN B 382 16.19 -11.28 29.02
CA GLN B 382 16.32 -11.60 30.44
C GLN B 382 17.42 -12.63 30.66
ZN ZN C . -16.49 -4.32 -5.69
P AMP D . -17.01 -7.89 -11.28
O1P AMP D . -18.45 -7.55 -11.62
O2P AMP D . -16.84 -8.71 -10.02
O3P AMP D . -16.06 -6.73 -11.42
O5' AMP D . -16.58 -8.89 -12.45
C5' AMP D . -16.57 -8.47 -13.80
C4' AMP D . -15.21 -8.68 -14.44
O4' AMP D . -14.86 -10.09 -14.35
C3' AMP D . -15.12 -8.31 -15.92
O3' AMP D . -13.84 -7.75 -16.18
C2' AMP D . -15.25 -9.66 -16.63
O2' AMP D . -14.67 -9.70 -17.90
C1' AMP D . -14.53 -10.57 -15.64
N9 AMP D . -14.94 -11.98 -15.72
C8 AMP D . -16.18 -12.45 -15.47
N7 AMP D . -16.23 -13.81 -15.64
C5 AMP D . -15.00 -14.21 -16.01
C6 AMP D . -14.36 -15.51 -16.36
N6 AMP D . -15.06 -16.66 -16.34
N1 AMP D . -13.06 -15.49 -16.70
C2 AMP D . -12.35 -14.35 -16.73
N3 AMP D . -12.86 -13.14 -16.43
C4 AMP D . -14.16 -13.01 -16.08
ZN ZN E . 16.89 4.88 3.73
P AMP F . 19.41 9.72 0.55
O1P AMP F . 18.30 9.02 -0.19
O2P AMP F . 20.52 8.81 0.99
O3P AMP F . 18.96 10.72 1.59
O5' AMP F . 20.08 10.63 -0.59
C5' AMP F . 19.76 12.02 -0.69
C4' AMP F . 18.78 12.29 -1.80
O4' AMP F . 18.19 13.60 -1.61
C3' AMP F . 19.37 12.29 -3.22
O3' AMP F . 18.42 11.77 -4.13
C2' AMP F . 19.58 13.78 -3.49
O2' AMP F . 19.57 14.13 -4.86
C1' AMP F . 18.39 14.41 -2.74
N9 AMP F . 18.62 15.78 -2.30
C8 AMP F . 19.62 16.17 -1.48
N7 AMP F . 19.57 17.51 -1.26
C5 AMP F . 18.53 18.00 -1.95
C6 AMP F . 17.91 19.33 -2.16
N6 AMP F . 18.42 20.44 -1.57
N1 AMP F . 16.83 19.40 -2.97
C2 AMP F . 16.31 18.30 -3.56
N3 AMP F . 16.83 17.08 -3.42
C4 AMP F . 17.91 16.86 -2.65
#